data_6R1M
#
_entry.id   6R1M
#
_cell.length_a   63.070
_cell.length_b   63.520
_cell.length_c   75.890
_cell.angle_alpha   75.44
_cell.angle_beta   70.25
_cell.angle_gamma   89.20
#
_symmetry.space_group_name_H-M   'P 1'
#
loop_
_entity.id
_entity.type
_entity.pdbx_description
1 polymer 'Serine--tRNA ligase'
2 non-polymer "5'-O-(N-(L-SERYL)-SULFAMOYL)ADENOSINE"
3 non-polymer 'PHOSPHATE ION'
4 non-polymer 1,2-ETHANEDIOL
5 water water
#
_entity_poly.entity_id   1
_entity_poly.type   'polypeptide(L)'
_entity_poly.pdbx_seq_one_letter_code
;MLDPNLLRNEPDAVAEKLARRGFKLDVDKLGALEERRKVLQVKTENLQAERNSRSKSIGQAKARGEDIEPLRLEVNKLGE
ELDAAKAELDALQAEIRDIALTIPNLPADEVPVGKDENDNVEVSRWGTPREFDFEVRDHVTLGEMHSGLDFAAAVKLTGS
RFVVMKGQIARMHRALSQFMLDLHTEQHGYSENYVPYLVNQDTLYGTGQLPKFAGDLFHTRPLEEEADTSNYALIPTAEV
PLTNLVRGEIIDEDDLPIKMTAHTPCFRSEAGSYGRDTRGLIRMHQFDKVEMVQIVRPEDSMAALEEMTGHAEKVLQLLG
LPYRKIILCTGDMGFGACKTYDLEVWIPAQNTYREISSCSNVWDFQARRMQARCRSKSDKKTRLVHTLNGSGLAVGRTLV
AVMENYQQADGRIEVPEVLRPYMNGLEYIGELALVPR
;
_entity_poly.pdbx_strand_id   A,B
#
loop_
_chem_comp.id
_chem_comp.type
_chem_comp.name
_chem_comp.formula
EDO non-polymer 1,2-ETHANEDIOL 'C2 H6 O2'
PO4 non-polymer 'PHOSPHATE ION' 'O4 P -3'
SSA non-polymer 5'-O-(N-(L-SERYL)-SULFAMOYL)ADENOSINE 'C13 H19 N7 O8 S'
#
# COMPACT_ATOMS: atom_id res chain seq x y z
N MET A 1 10.58 23.17 -9.19
CA MET A 1 11.40 24.39 -9.04
C MET A 1 11.37 25.22 -10.29
N LEU A 2 11.38 26.55 -10.11
CA LEU A 2 11.51 27.49 -11.23
C LEU A 2 12.97 27.64 -11.69
N ASP A 3 13.16 28.17 -12.89
CA ASP A 3 14.49 28.47 -13.43
C ASP A 3 15.19 29.46 -12.46
N PRO A 4 16.32 29.04 -11.81
CA PRO A 4 17.02 29.95 -10.89
C PRO A 4 17.45 31.26 -11.54
N ASN A 5 17.67 31.27 -12.89
CA ASN A 5 18.08 32.51 -13.58
C ASN A 5 16.96 33.52 -13.52
N LEU A 6 15.70 33.05 -13.65
CA LEU A 6 14.53 33.92 -13.62
C LEU A 6 14.33 34.47 -12.21
N LEU A 7 14.46 33.63 -11.16
CA LEU A 7 14.32 34.08 -9.77
C LEU A 7 15.40 35.05 -9.38
N ARG A 8 16.63 34.83 -9.86
CA ARG A 8 17.72 35.71 -9.48
C ARG A 8 17.69 37.02 -10.25
N ASN A 9 17.37 36.95 -11.56
CA ASN A 9 17.54 38.12 -12.43
C ASN A 9 16.27 38.79 -12.92
N GLU A 10 15.09 38.17 -12.75
CA GLU A 10 13.86 38.93 -13.04
C GLU A 10 12.80 38.57 -11.96
N PRO A 11 13.20 38.68 -10.66
CA PRO A 11 12.29 38.29 -9.58
C PRO A 11 10.96 38.99 -9.57
N ASP A 12 10.97 40.30 -9.91
CA ASP A 12 9.70 41.01 -9.91
C ASP A 12 8.75 40.56 -11.03
N ALA A 13 9.30 40.16 -12.17
CA ALA A 13 8.48 39.64 -13.27
C ALA A 13 7.93 38.26 -12.89
N VAL A 14 8.76 37.42 -12.22
CA VAL A 14 8.29 36.12 -11.72
C VAL A 14 7.18 36.39 -10.66
N ALA A 15 7.40 37.37 -9.74
CA ALA A 15 6.40 37.68 -8.71
C ALA A 15 5.07 38.08 -9.31
N GLU A 16 5.11 38.86 -10.40
CA GLU A 16 3.92 39.33 -11.10
C GLU A 16 3.10 38.11 -11.60
N LYS A 17 3.79 37.12 -12.18
CA LYS A 17 3.11 35.92 -12.68
C LYS A 17 2.57 35.05 -11.55
N LEU A 18 3.36 34.88 -10.48
CA LEU A 18 2.95 34.09 -9.30
C LEU A 18 1.76 34.72 -8.57
N ALA A 19 1.67 36.06 -8.53
CA ALA A 19 0.54 36.72 -7.88
C ALA A 19 -0.79 36.40 -8.57
N ARG A 20 -0.74 36.09 -9.89
N ARG A 20 -0.78 36.15 -9.89
CA ARG A 20 -1.93 35.76 -10.68
CA ARG A 20 -2.00 35.81 -10.62
C ARG A 20 -2.50 34.41 -10.26
C ARG A 20 -2.55 34.44 -10.18
N ARG A 21 -1.68 33.57 -9.61
CA ARG A 21 -2.10 32.28 -9.09
C ARG A 21 -2.26 32.35 -7.54
N GLY A 22 -2.22 33.57 -6.99
CA GLY A 22 -2.45 33.82 -5.57
C GLY A 22 -1.27 33.57 -4.65
N PHE A 23 -0.05 33.53 -5.20
CA PHE A 23 1.15 33.30 -4.42
C PHE A 23 1.96 34.59 -4.38
N LYS A 24 2.35 35.02 -3.17
CA LYS A 24 3.13 36.24 -2.96
C LYS A 24 4.60 35.87 -2.78
N LEU A 25 5.41 36.09 -3.82
CA LEU A 25 6.83 35.82 -3.75
C LEU A 25 7.50 36.86 -2.84
N ASP A 26 8.30 36.44 -1.84
CA ASP A 26 8.99 37.41 -0.98
C ASP A 26 10.28 37.78 -1.70
N VAL A 27 10.17 38.73 -2.64
CA VAL A 27 11.30 39.21 -3.43
C VAL A 27 12.38 39.84 -2.55
N ASP A 28 11.97 40.60 -1.51
CA ASP A 28 12.95 41.25 -0.62
C ASP A 28 13.85 40.24 0.11
N LYS A 29 13.24 39.19 0.73
CA LYS A 29 13.98 38.14 1.46
C LYS A 29 14.94 37.41 0.50
N LEU A 30 14.44 36.96 -0.66
CA LEU A 30 15.27 36.28 -1.64
C LEU A 30 16.41 37.18 -2.16
N GLY A 31 16.11 38.44 -2.44
CA GLY A 31 17.08 39.39 -2.94
C GLY A 31 18.20 39.63 -1.94
N ALA A 32 17.84 39.66 -0.64
CA ALA A 32 18.85 39.88 0.42
C ALA A 32 19.80 38.68 0.51
N LEU A 33 19.26 37.44 0.36
CA LEU A 33 20.08 36.23 0.42
C LEU A 33 20.97 36.16 -0.81
N GLU A 34 20.42 36.50 -2.00
CA GLU A 34 21.19 36.48 -3.24
C GLU A 34 22.35 37.47 -3.18
N GLU A 35 22.13 38.63 -2.54
CA GLU A 35 23.22 39.61 -2.45
C GLU A 35 24.29 39.07 -1.48
N ARG A 36 23.87 38.44 -0.37
CA ARG A 36 24.83 37.88 0.59
C ARG A 36 25.64 36.80 -0.10
N ARG A 37 24.99 36.00 -0.98
CA ARG A 37 25.66 34.93 -1.74
C ARG A 37 26.74 35.53 -2.66
N LYS A 38 26.40 36.55 -3.48
CA LYS A 38 27.34 37.17 -4.41
C LYS A 38 28.51 37.82 -3.66
N VAL A 39 28.23 38.47 -2.50
CA VAL A 39 29.26 39.09 -1.65
C VAL A 39 30.22 38.02 -1.08
N LEU A 40 29.68 36.87 -0.62
CA LEU A 40 30.50 35.78 -0.06
C LEU A 40 31.36 35.14 -1.15
N GLN A 41 30.81 35.00 -2.38
CA GLN A 41 31.54 34.45 -3.53
C GLN A 41 32.76 35.33 -3.81
N VAL A 42 32.58 36.68 -3.77
CA VAL A 42 33.69 37.59 -3.98
C VAL A 42 34.69 37.50 -2.81
N LYS A 43 34.18 37.44 -1.58
CA LYS A 43 35.05 37.32 -0.39
C LYS A 43 35.93 36.08 -0.49
N THR A 44 35.36 34.94 -0.93
CA THR A 44 36.11 33.67 -1.11
C THR A 44 37.24 33.89 -2.14
N GLU A 45 36.92 34.59 -3.25
CA GLU A 45 37.90 34.89 -4.29
C GLU A 45 39.02 35.78 -3.75
N ASN A 46 38.69 36.81 -2.93
CA ASN A 46 39.69 37.71 -2.33
C ASN A 46 40.60 36.85 -1.47
N LEU A 47 40.00 36.05 -0.59
CA LEU A 47 40.77 35.20 0.33
C LEU A 47 41.69 34.20 -0.37
N GLN A 48 41.22 33.58 -1.48
CA GLN A 48 42.02 32.60 -2.20
C GLN A 48 43.21 33.28 -2.89
N ALA A 49 42.99 34.47 -3.46
CA ALA A 49 44.09 35.24 -4.09
C ALA A 49 45.14 35.59 -3.03
N GLU A 50 44.70 36.02 -1.83
CA GLU A 50 45.60 36.38 -0.73
C GLU A 50 46.35 35.15 -0.24
N ARG A 51 45.68 34.00 -0.11
CA ARG A 51 46.34 32.77 0.35
C ARG A 51 47.41 32.32 -0.66
N ASN A 52 47.11 32.34 -1.97
CA ASN A 52 48.07 31.95 -3.01
C ASN A 52 49.25 32.91 -3.05
N SER A 53 48.98 34.23 -2.88
CA SER A 53 50.05 35.23 -2.90
C SER A 53 51.01 35.03 -1.70
N ARG A 54 50.45 34.86 -0.49
CA ARG A 54 51.25 34.65 0.72
C ARG A 54 52.02 33.33 0.67
N SER A 55 51.43 32.28 0.03
CA SER A 55 52.09 30.98 -0.15
C SER A 55 53.28 31.11 -1.11
N LYS A 56 53.11 31.93 -2.18
CA LYS A 56 54.17 32.21 -3.16
C LYS A 56 55.32 32.95 -2.45
N SER A 57 54.98 33.86 -1.50
CA SER A 57 55.93 34.64 -0.69
C SER A 57 56.75 33.73 0.25
N ILE A 58 56.15 32.62 0.76
CA ILE A 58 56.85 31.65 1.62
C ILE A 58 58.01 31.00 0.87
N GLY A 59 57.74 30.53 -0.36
CA GLY A 59 58.73 29.88 -1.23
C GLY A 59 59.93 30.75 -1.53
N GLN A 60 59.68 32.06 -1.78
CA GLN A 60 60.71 33.07 -2.05
C GLN A 60 61.56 33.30 -0.80
N ALA A 61 60.91 33.49 0.37
CA ALA A 61 61.58 33.70 1.67
C ALA A 61 62.34 32.46 2.15
N LYS A 62 61.88 31.25 1.77
CA LYS A 62 62.50 29.97 2.12
C LYS A 62 63.80 29.79 1.32
N ALA A 63 63.77 30.14 0.01
CA ALA A 63 64.92 30.06 -0.89
C ALA A 63 66.00 31.08 -0.49
N ARG A 64 65.58 32.25 0.04
CA ARG A 64 66.47 33.33 0.49
C ARG A 64 67.06 33.06 1.89
N GLY A 65 66.40 32.19 2.66
CA GLY A 65 66.82 31.82 4.02
C GLY A 65 66.23 32.65 5.14
N GLU A 66 65.19 33.46 4.83
CA GLU A 66 64.50 34.34 5.78
C GLU A 66 63.54 33.52 6.67
N ASP A 67 63.07 34.12 7.79
CA ASP A 67 62.14 33.50 8.73
C ASP A 67 60.76 33.38 8.05
N ILE A 68 60.29 32.14 7.81
CA ILE A 68 59.00 31.89 7.13
C ILE A 68 57.84 31.68 8.10
N GLU A 69 58.12 31.64 9.43
CA GLU A 69 57.10 31.43 10.48
C GLU A 69 55.92 32.45 10.43
N PRO A 70 56.12 33.80 10.40
CA PRO A 70 54.96 34.71 10.33
C PRO A 70 54.07 34.52 9.10
N LEU A 71 54.68 34.26 7.93
CA LEU A 71 53.95 34.01 6.68
C LEU A 71 53.18 32.69 6.76
N ARG A 72 53.76 31.65 7.42
CA ARG A 72 53.09 30.36 7.60
C ARG A 72 51.79 30.50 8.41
N LEU A 73 51.82 31.32 9.49
CA LEU A 73 50.66 31.58 10.36
C LEU A 73 49.58 32.35 9.59
N GLU A 74 50.00 33.29 8.72
CA GLU A 74 49.13 34.10 7.87
C GLU A 74 48.39 33.21 6.87
N VAL A 75 49.12 32.25 6.24
CA VAL A 75 48.57 31.28 5.30
C VAL A 75 47.51 30.40 6.02
N ASN A 76 47.82 29.98 7.27
CA ASN A 76 46.87 29.20 8.07
C ASN A 76 45.61 30.00 8.41
N LYS A 77 45.76 31.27 8.85
CA LYS A 77 44.62 32.17 9.15
C LYS A 77 43.75 32.36 7.91
N LEU A 78 44.38 32.53 6.73
CA LEU A 78 43.65 32.66 5.47
C LEU A 78 42.90 31.37 5.13
N GLY A 79 43.52 30.21 5.42
CA GLY A 79 42.88 28.92 5.20
C GLY A 79 41.62 28.77 6.03
N GLU A 80 41.68 29.23 7.30
CA GLU A 80 40.57 29.21 8.26
C GLU A 80 39.46 30.14 7.80
N GLU A 81 39.82 31.33 7.29
CA GLU A 81 38.84 32.30 6.77
C GLU A 81 38.14 31.73 5.54
N LEU A 82 38.91 31.07 4.66
CA LEU A 82 38.37 30.41 3.47
C LEU A 82 37.40 29.30 3.88
N ASP A 83 37.76 28.53 4.93
CA ASP A 83 36.92 27.46 5.46
C ASP A 83 35.59 28.03 5.95
N ALA A 84 35.62 29.14 6.71
CA ALA A 84 34.43 29.80 7.23
C ALA A 84 33.58 30.40 6.11
N ALA A 85 34.22 31.02 5.09
CA ALA A 85 33.52 31.61 3.93
C ALA A 85 32.73 30.53 3.18
N LYS A 86 33.39 29.40 2.86
CA LYS A 86 32.81 28.24 2.19
C LYS A 86 31.63 27.66 2.97
N ALA A 87 31.76 27.52 4.31
CA ALA A 87 30.68 27.00 5.16
C ALA A 87 29.48 27.93 5.14
N GLU A 88 29.73 29.26 5.25
CA GLU A 88 28.65 30.25 5.22
C GLU A 88 27.97 30.24 3.84
N LEU A 89 28.77 30.13 2.76
CA LEU A 89 28.24 30.09 1.39
C LEU A 89 27.38 28.83 1.18
N ASP A 90 27.85 27.66 1.65
CA ASP A 90 27.06 26.44 1.53
C ASP A 90 25.73 26.56 2.30
N ALA A 91 25.75 27.17 3.51
CA ALA A 91 24.56 27.34 4.33
C ALA A 91 23.55 28.27 3.65
N LEU A 92 24.06 29.36 3.04
CA LEU A 92 23.24 30.31 2.32
C LEU A 92 22.62 29.68 1.08
N GLN A 93 23.42 28.93 0.31
CA GLN A 93 22.91 28.25 -0.90
C GLN A 93 21.84 27.25 -0.55
N ALA A 94 21.96 26.56 0.60
CA ALA A 94 20.94 25.62 1.08
C ALA A 94 19.65 26.39 1.44
N GLU A 95 19.80 27.55 2.11
CA GLU A 95 18.67 28.39 2.49
C GLU A 95 17.92 28.90 1.25
N ILE A 96 18.66 29.33 0.21
CA ILE A 96 18.08 29.79 -1.05
C ILE A 96 17.33 28.64 -1.74
N ARG A 97 17.95 27.44 -1.82
N ARG A 97 17.95 27.44 -1.81
CA ARG A 97 17.30 26.27 -2.45
CA ARG A 97 17.37 26.24 -2.41
C ARG A 97 16.03 25.89 -1.67
C ARG A 97 16.09 25.83 -1.67
N ASP A 98 16.08 25.96 -0.33
CA ASP A 98 14.92 25.65 0.54
C ASP A 98 13.74 26.53 0.17
N ILE A 99 13.98 27.82 -0.09
CA ILE A 99 12.93 28.76 -0.47
C ILE A 99 12.47 28.44 -1.90
N ALA A 100 13.41 28.21 -2.81
CA ALA A 100 13.09 27.92 -4.20
C ALA A 100 12.15 26.70 -4.31
N LEU A 101 12.32 25.73 -3.40
CA LEU A 101 11.52 24.51 -3.42
C LEU A 101 10.09 24.70 -2.91
N THR A 102 9.76 25.92 -2.43
CA THR A 102 8.39 26.18 -1.91
C THR A 102 7.54 26.95 -2.92
N ILE A 103 8.12 27.32 -4.06
CA ILE A 103 7.48 28.17 -5.06
C ILE A 103 6.72 27.35 -6.09
N PRO A 104 5.42 27.66 -6.31
CA PRO A 104 4.66 26.92 -7.32
C PRO A 104 5.06 27.27 -8.74
N ASN A 105 4.58 26.43 -9.68
CA ASN A 105 4.90 26.62 -11.10
C ASN A 105 4.25 27.88 -11.67
N LEU A 106 4.86 28.43 -12.72
CA LEU A 106 4.31 29.61 -13.38
C LEU A 106 3.18 29.17 -14.29
N PRO A 107 1.98 29.75 -14.18
CA PRO A 107 0.90 29.34 -15.08
C PRO A 107 1.18 29.71 -16.53
N ALA A 108 0.74 28.83 -17.47
CA ALA A 108 0.84 29.14 -18.89
C ALA A 108 -0.03 30.37 -19.21
N ASP A 109 0.34 31.12 -20.27
CA ASP A 109 -0.36 32.37 -20.62
C ASP A 109 -1.84 32.22 -20.93
N GLU A 110 -2.23 31.07 -21.50
CA GLU A 110 -3.62 30.81 -21.87
C GLU A 110 -4.52 30.38 -20.72
N VAL A 111 -3.93 30.16 -19.52
CA VAL A 111 -4.72 29.75 -18.35
C VAL A 111 -5.55 30.95 -17.90
N PRO A 112 -6.89 30.81 -17.80
CA PRO A 112 -7.70 31.97 -17.37
C PRO A 112 -7.34 32.43 -15.96
N VAL A 113 -7.27 33.75 -15.76
CA VAL A 113 -6.96 34.26 -14.45
C VAL A 113 -8.21 34.10 -13.57
N GLY A 114 -8.01 33.63 -12.35
CA GLY A 114 -9.13 33.46 -11.43
C GLY A 114 -8.64 33.22 -10.03
N LYS A 115 -9.56 33.33 -9.07
CA LYS A 115 -9.26 33.24 -7.66
C LYS A 115 -9.40 31.85 -7.09
N ASP A 116 -10.45 31.13 -7.52
CA ASP A 116 -10.79 29.84 -6.97
C ASP A 116 -11.58 29.02 -8.00
N GLU A 117 -12.15 27.89 -7.56
CA GLU A 117 -12.88 26.96 -8.43
C GLU A 117 -14.08 27.63 -9.12
N ASN A 118 -14.64 28.73 -8.56
CA ASN A 118 -15.75 29.41 -9.22
C ASN A 118 -15.32 30.15 -10.48
N ASP A 119 -14.00 30.32 -10.70
CA ASP A 119 -13.50 31.02 -11.87
C ASP A 119 -12.95 30.04 -12.92
N ASN A 120 -13.15 28.73 -12.72
CA ASN A 120 -12.76 27.74 -13.71
C ASN A 120 -13.65 27.91 -14.95
N VAL A 121 -13.16 27.48 -16.14
CA VAL A 121 -13.87 27.73 -17.40
C VAL A 121 -14.17 26.40 -18.09
N GLU A 122 -15.43 26.20 -18.44
CA GLU A 122 -15.81 24.99 -19.17
C GLU A 122 -15.35 25.11 -20.62
N VAL A 123 -14.67 24.06 -21.10
CA VAL A 123 -14.12 23.97 -22.45
C VAL A 123 -15.09 23.21 -23.36
N SER A 124 -15.60 22.07 -22.88
CA SER A 124 -16.44 21.23 -23.70
C SER A 124 -17.25 20.31 -22.82
N ARG A 125 -18.24 19.67 -23.43
CA ARG A 125 -19.04 18.71 -22.68
C ARG A 125 -19.44 17.59 -23.64
N TRP A 126 -19.58 16.41 -23.10
CA TRP A 126 -19.92 15.23 -23.90
C TRP A 126 -21.03 14.48 -23.22
N GLY A 127 -22.00 14.03 -24.02
CA GLY A 127 -23.10 13.23 -23.53
C GLY A 127 -24.17 14.03 -22.83
N THR A 128 -25.25 13.36 -22.46
CA THR A 128 -26.40 13.97 -21.79
C THR A 128 -26.73 13.18 -20.52
N PRO A 129 -26.73 13.83 -19.34
CA PRO A 129 -27.11 13.10 -18.10
C PRO A 129 -28.45 12.37 -18.28
N ARG A 130 -28.49 11.14 -17.81
CA ARG A 130 -29.67 10.29 -17.91
C ARG A 130 -30.84 10.87 -17.11
N GLU A 131 -32.06 10.69 -17.65
CA GLU A 131 -33.26 11.13 -16.95
C GLU A 131 -33.89 9.90 -16.37
N PHE A 132 -34.15 9.91 -15.05
CA PHE A 132 -34.64 8.76 -14.33
C PHE A 132 -36.12 8.78 -14.07
N ASP A 133 -36.79 7.62 -14.29
CA ASP A 133 -38.24 7.43 -14.05
C ASP A 133 -38.53 6.76 -12.73
N PHE A 134 -37.61 6.90 -11.79
CA PHE A 134 -37.70 6.41 -10.43
C PHE A 134 -36.72 7.24 -9.61
N GLU A 135 -36.81 7.13 -8.28
CA GLU A 135 -35.94 7.89 -7.38
C GLU A 135 -34.53 7.31 -7.45
N VAL A 136 -33.56 8.16 -7.80
CA VAL A 136 -32.16 7.78 -7.90
C VAL A 136 -31.62 7.27 -6.55
N ARG A 137 -30.90 6.14 -6.59
CA ARG A 137 -30.19 5.62 -5.43
C ARG A 137 -28.72 6.05 -5.58
N ASP A 138 -28.05 6.34 -4.46
CA ASP A 138 -26.65 6.63 -4.55
C ASP A 138 -25.82 5.36 -4.53
N HIS A 139 -24.53 5.47 -4.84
CA HIS A 139 -23.67 4.31 -4.90
C HIS A 139 -23.57 3.56 -3.58
N VAL A 140 -23.70 4.28 -2.47
CA VAL A 140 -23.62 3.62 -1.16
C VAL A 140 -24.84 2.74 -0.95
N THR A 141 -26.04 3.26 -1.26
CA THR A 141 -27.26 2.47 -1.12
C THR A 141 -27.19 1.25 -2.06
N LEU A 142 -26.75 1.47 -3.31
CA LEU A 142 -26.65 0.40 -4.29
C LEU A 142 -25.65 -0.65 -3.81
N GLY A 143 -24.54 -0.17 -3.25
CA GLY A 143 -23.53 -1.07 -2.71
C GLY A 143 -23.99 -1.86 -1.51
N GLU A 144 -24.94 -1.33 -0.70
CA GLU A 144 -25.46 -2.07 0.45
C GLU A 144 -26.39 -3.19 -0.04
N MET A 145 -27.26 -2.87 -1.02
CA MET A 145 -28.31 -3.73 -1.59
C MET A 145 -27.75 -4.98 -2.19
N HIS A 146 -26.58 -4.87 -2.81
CA HIS A 146 -25.89 -5.97 -3.46
C HIS A 146 -24.78 -6.56 -2.60
N SER A 147 -24.66 -6.11 -1.32
CA SER A 147 -23.63 -6.57 -0.36
C SER A 147 -22.25 -6.44 -1.02
N GLY A 148 -22.05 -5.31 -1.70
CA GLY A 148 -20.86 -5.08 -2.52
C GLY A 148 -19.92 -3.98 -2.06
N LEU A 149 -20.45 -2.99 -1.33
CA LEU A 149 -19.63 -1.94 -0.72
C LEU A 149 -19.93 -2.02 0.76
N ASP A 150 -18.90 -2.31 1.54
CA ASP A 150 -19.03 -2.48 2.99
C ASP A 150 -18.09 -1.53 3.69
N PHE A 151 -18.60 -0.35 4.08
CA PHE A 151 -17.78 0.64 4.75
C PHE A 151 -17.61 0.27 6.22
N ALA A 152 -18.64 -0.30 6.85
CA ALA A 152 -18.51 -0.66 8.27
C ALA A 152 -17.42 -1.73 8.48
N ALA A 153 -17.30 -2.67 7.53
CA ALA A 153 -16.26 -3.70 7.66
C ALA A 153 -14.89 -3.02 7.59
N ALA A 154 -14.74 -2.00 6.73
CA ALA A 154 -13.44 -1.30 6.62
C ALA A 154 -13.13 -0.52 7.88
N VAL A 155 -14.14 0.05 8.55
CA VAL A 155 -13.89 0.74 9.81
C VAL A 155 -13.36 -0.27 10.83
N LYS A 156 -13.97 -1.46 10.84
CA LYS A 156 -13.53 -2.53 11.76
C LYS A 156 -12.08 -2.95 11.45
N LEU A 157 -11.77 -3.18 10.17
CA LEU A 157 -10.39 -3.61 9.83
C LEU A 157 -9.37 -2.50 10.08
N THR A 158 -9.74 -1.29 9.69
CA THR A 158 -8.81 -0.15 9.69
C THR A 158 -9.39 1.07 10.39
N GLY A 159 -10.20 1.83 9.66
CA GLY A 159 -10.74 3.09 10.20
C GLY A 159 -11.55 3.82 9.14
N SER A 160 -11.93 5.05 9.44
N SER A 160 -11.93 5.05 9.44
CA SER A 160 -12.73 5.82 8.48
CA SER A 160 -12.72 5.85 8.51
C SER A 160 -12.01 6.04 7.16
C SER A 160 -12.01 6.09 7.18
N ARG A 161 -12.80 6.28 6.11
CA ARG A 161 -12.34 6.58 4.74
C ARG A 161 -11.59 5.42 4.09
N PHE A 162 -11.97 4.20 4.47
CA PHE A 162 -11.57 2.96 3.79
C PHE A 162 -12.84 2.19 3.38
N VAL A 163 -12.69 1.21 2.48
CA VAL A 163 -13.84 0.41 2.07
C VAL A 163 -13.40 -1.03 1.83
N VAL A 164 -14.37 -1.93 1.97
CA VAL A 164 -14.23 -3.32 1.55
C VAL A 164 -15.24 -3.50 0.43
N MET A 165 -14.82 -3.97 -0.73
CA MET A 165 -15.73 -4.26 -1.82
C MET A 165 -15.83 -5.75 -1.96
N LYS A 166 -17.01 -6.26 -2.34
CA LYS A 166 -17.19 -7.71 -2.41
C LYS A 166 -17.94 -8.11 -3.64
N GLY A 167 -17.68 -9.33 -4.10
CA GLY A 167 -18.47 -9.94 -5.17
C GLY A 167 -18.48 -9.20 -6.49
N GLN A 168 -19.69 -9.09 -7.11
CA GLN A 168 -19.79 -8.45 -8.43
C GLN A 168 -19.30 -7.02 -8.46
N ILE A 169 -19.55 -6.26 -7.39
CA ILE A 169 -19.06 -4.88 -7.37
C ILE A 169 -17.51 -4.85 -7.33
N ALA A 170 -16.89 -5.73 -6.52
CA ALA A 170 -15.43 -5.82 -6.51
C ALA A 170 -14.92 -6.22 -7.90
N ARG A 171 -15.60 -7.19 -8.57
CA ARG A 171 -15.21 -7.59 -9.92
C ARG A 171 -15.35 -6.43 -10.91
N MET A 172 -16.41 -5.60 -10.78
N MET A 172 -16.41 -5.59 -10.77
CA MET A 172 -16.56 -4.47 -11.71
CA MET A 172 -16.60 -4.43 -11.66
C MET A 172 -15.46 -3.42 -11.49
C MET A 172 -15.44 -3.43 -11.48
N HIS A 173 -15.06 -3.19 -10.22
CA HIS A 173 -13.94 -2.28 -9.91
C HIS A 173 -12.65 -2.80 -10.59
N ARG A 174 -12.42 -4.11 -10.51
CA ARG A 174 -11.24 -4.69 -11.14
C ARG A 174 -11.36 -4.55 -12.66
N ALA A 175 -12.53 -4.85 -13.23
CA ALA A 175 -12.73 -4.79 -14.68
C ALA A 175 -12.43 -3.38 -15.19
N LEU A 176 -12.84 -2.35 -14.43
CA LEU A 176 -12.57 -0.98 -14.83
C LEU A 176 -11.06 -0.76 -15.00
N SER A 177 -10.26 -1.19 -13.99
CA SER A 177 -8.82 -1.01 -14.06
C SER A 177 -8.22 -1.73 -15.26
N GLN A 178 -8.72 -2.96 -15.54
CA GLN A 178 -8.16 -3.74 -16.65
C GLN A 178 -8.51 -3.15 -17.99
N PHE A 179 -9.77 -2.69 -18.12
CA PHE A 179 -10.17 -2.01 -19.34
C PHE A 179 -9.33 -0.76 -19.60
N MET A 180 -9.08 0.04 -18.55
CA MET A 180 -8.31 1.27 -18.71
C MET A 180 -6.87 0.94 -19.10
N LEU A 181 -6.22 -0.04 -18.40
CA LEU A 181 -4.84 -0.36 -18.78
C LEU A 181 -4.77 -0.89 -20.21
N ASP A 182 -5.69 -1.80 -20.58
CA ASP A 182 -5.66 -2.34 -21.94
C ASP A 182 -5.89 -1.23 -22.98
N LEU A 183 -6.80 -0.30 -22.72
CA LEU A 183 -7.01 0.78 -23.69
C LEU A 183 -5.73 1.61 -23.88
N HIS A 184 -5.11 2.01 -22.76
CA HIS A 184 -3.94 2.90 -22.87
C HIS A 184 -2.74 2.20 -23.47
N THR A 185 -2.55 0.92 -23.13
CA THR A 185 -1.40 0.21 -23.68
C THR A 185 -1.59 -0.30 -25.10
N GLU A 186 -2.79 -0.70 -25.43
CA GLU A 186 -3.06 -1.28 -26.76
C GLU A 186 -3.47 -0.25 -27.82
N GLN A 187 -4.10 0.88 -27.41
CA GLN A 187 -4.58 1.88 -28.38
C GLN A 187 -3.91 3.23 -28.27
N HIS A 188 -3.39 3.58 -27.08
CA HIS A 188 -2.88 4.94 -26.86
C HIS A 188 -1.34 5.05 -26.76
N GLY A 189 -0.65 3.94 -26.90
CA GLY A 189 0.81 3.96 -26.96
C GLY A 189 1.56 4.09 -25.67
N TYR A 190 0.92 3.77 -24.54
CA TYR A 190 1.61 3.82 -23.26
C TYR A 190 2.21 2.48 -22.93
N SER A 191 3.38 2.52 -22.25
CA SER A 191 4.06 1.32 -21.78
C SER A 191 3.61 1.08 -20.33
N GLU A 192 3.18 -0.14 -20.04
CA GLU A 192 2.73 -0.56 -18.72
C GLU A 192 3.90 -0.68 -17.74
N ASN A 193 3.67 -0.26 -16.48
CA ASN A 193 4.69 -0.42 -15.46
C ASN A 193 4.07 -0.90 -14.16
N TYR A 194 4.80 -1.76 -13.47
CA TYR A 194 4.50 -2.13 -12.09
C TYR A 194 5.54 -1.33 -11.28
N VAL A 195 5.07 -0.58 -10.29
CA VAL A 195 5.95 0.29 -9.53
C VAL A 195 5.89 0.06 -8.02
N PRO A 196 6.92 0.52 -7.30
CA PRO A 196 6.83 0.53 -5.83
C PRO A 196 5.69 1.45 -5.38
N TYR A 197 5.01 1.06 -4.28
CA TYR A 197 3.95 1.86 -3.65
C TYR A 197 4.46 2.64 -2.45
N LEU A 198 5.75 2.39 -2.09
CA LEU A 198 6.49 3.18 -1.11
C LEU A 198 7.60 3.85 -1.90
N VAL A 199 7.87 5.14 -1.59
CA VAL A 199 8.96 5.87 -2.25
C VAL A 199 9.81 6.62 -1.25
N ASN A 200 11.05 6.94 -1.64
CA ASN A 200 11.95 7.66 -0.77
C ASN A 200 11.80 9.19 -0.84
N GLN A 201 12.60 9.92 -0.03
CA GLN A 201 12.47 11.37 0.04
C GLN A 201 12.89 12.06 -1.25
N ASP A 202 13.96 11.56 -1.93
CA ASP A 202 14.40 12.19 -3.19
C ASP A 202 13.28 12.15 -4.22
N THR A 203 12.54 11.01 -4.30
CA THR A 203 11.45 10.85 -5.24
C THR A 203 10.35 11.88 -4.95
N LEU A 204 10.00 12.05 -3.67
CA LEU A 204 8.96 13.01 -3.25
C LEU A 204 9.36 14.44 -3.58
N TYR A 205 10.65 14.77 -3.45
CA TYR A 205 11.10 16.11 -3.84
C TYR A 205 11.05 16.24 -5.37
N GLY A 206 11.36 15.16 -6.08
CA GLY A 206 11.39 15.16 -7.55
C GLY A 206 10.07 15.57 -8.16
N THR A 207 8.93 15.07 -7.61
CA THR A 207 7.63 15.41 -8.16
C THR A 207 6.90 16.54 -7.45
N GLY A 208 7.45 17.04 -6.35
CA GLY A 208 6.91 18.23 -5.69
C GLY A 208 6.09 18.00 -4.44
N GLN A 209 5.96 16.74 -4.00
CA GLN A 209 5.23 16.46 -2.75
C GLN A 209 5.99 17.03 -1.59
N LEU A 210 7.32 17.04 -1.70
CA LEU A 210 8.17 17.66 -0.72
C LEU A 210 8.81 18.91 -1.35
N PRO A 211 9.06 19.97 -0.56
CA PRO A 211 8.96 20.02 0.91
C PRO A 211 7.61 20.37 1.49
N LYS A 212 6.67 20.90 0.71
CA LYS A 212 5.46 21.52 1.26
C LYS A 212 4.31 20.62 1.64
N PHE A 213 4.24 19.42 1.07
CA PHE A 213 3.02 18.63 1.26
C PHE A 213 3.20 17.32 2.00
N ALA A 214 4.14 17.27 2.97
CA ALA A 214 4.36 16.02 3.73
C ALA A 214 3.08 15.61 4.48
N GLY A 215 2.31 16.59 4.97
CA GLY A 215 1.07 16.32 5.69
C GLY A 215 -0.04 15.69 4.87
N ASP A 216 0.12 15.64 3.54
CA ASP A 216 -0.85 15.03 2.63
C ASP A 216 -0.63 13.51 2.48
N LEU A 217 0.51 13.01 3.04
CA LEU A 217 0.91 11.61 2.84
C LEU A 217 0.90 10.79 4.10
N PHE A 218 0.87 9.46 3.90
CA PHE A 218 1.12 8.48 4.97
C PHE A 218 2.62 8.23 4.89
N HIS A 219 3.27 8.20 6.04
CA HIS A 219 4.71 7.97 6.12
C HIS A 219 4.95 6.69 6.87
N THR A 220 5.91 5.86 6.40
CA THR A 220 6.23 4.66 7.17
C THR A 220 7.42 4.93 8.04
N ARG A 221 7.40 4.28 9.22
CA ARG A 221 8.54 4.38 10.12
C ARG A 221 9.74 3.63 9.53
N PRO A 222 10.96 4.10 9.74
CA PRO A 222 12.12 3.39 9.20
C PRO A 222 12.20 1.98 9.75
N LEU A 223 12.74 1.07 8.95
CA LEU A 223 12.93 -0.31 9.40
C LEU A 223 14.20 -0.37 10.22
N GLU A 224 14.21 -1.17 11.29
CA GLU A 224 15.36 -1.32 12.20
C GLU A 224 16.64 -1.68 11.43
N GLU A 225 16.55 -2.54 10.40
CA GLU A 225 17.71 -2.96 9.62
C GLU A 225 18.05 -2.08 8.43
N GLU A 226 17.28 -1.00 8.19
CA GLU A 226 17.55 -0.02 7.13
C GLU A 226 17.29 1.34 7.78
N ALA A 227 17.85 1.55 8.99
CA ALA A 227 17.58 2.68 9.85
C ALA A 227 17.71 4.04 9.20
N ASP A 228 18.69 4.22 8.30
CA ASP A 228 18.95 5.53 7.70
C ASP A 228 18.52 5.68 6.24
N THR A 229 17.90 4.64 5.68
CA THR A 229 17.54 4.64 4.26
C THR A 229 16.09 4.24 3.99
N SER A 230 15.26 4.13 5.05
CA SER A 230 13.89 3.68 4.82
C SER A 230 12.84 4.63 5.35
N ASN A 231 13.13 5.96 5.28
CA ASN A 231 12.12 6.95 5.61
C ASN A 231 11.29 7.06 4.31
N TYR A 232 10.21 6.26 4.22
CA TYR A 232 9.39 6.19 3.02
C TYR A 232 8.01 6.79 3.21
N ALA A 233 7.35 7.03 2.09
CA ALA A 233 5.96 7.45 2.12
C ALA A 233 5.22 6.60 1.12
N LEU A 234 3.95 6.34 1.43
CA LEU A 234 3.08 5.67 0.49
C LEU A 234 2.76 6.63 -0.66
N ILE A 235 2.68 6.06 -1.85
CA ILE A 235 2.44 6.96 -2.99
C ILE A 235 1.04 7.53 -3.01
N PRO A 236 0.91 8.84 -3.32
CA PRO A 236 -0.44 9.44 -3.41
C PRO A 236 -1.04 9.28 -4.81
N THR A 237 -0.20 8.85 -5.77
CA THR A 237 -0.52 8.70 -7.19
C THR A 237 0.65 8.05 -7.85
N ALA A 238 0.40 7.24 -8.91
CA ALA A 238 1.52 6.65 -9.63
C ALA A 238 2.34 7.73 -10.36
N GLU A 239 1.84 8.99 -10.46
CA GLU A 239 2.64 10.07 -11.06
C GLU A 239 4.03 10.13 -10.36
N VAL A 240 4.05 9.88 -9.05
CA VAL A 240 5.27 10.05 -8.26
C VAL A 240 6.33 9.05 -8.71
N PRO A 241 6.11 7.73 -8.63
CA PRO A 241 7.17 6.82 -9.10
C PRO A 241 7.39 6.88 -10.61
N LEU A 242 6.33 6.99 -11.42
CA LEU A 242 6.53 6.99 -12.89
C LEU A 242 7.37 8.17 -13.38
N THR A 243 7.03 9.38 -12.92
CA THR A 243 7.77 10.54 -13.41
C THR A 243 9.25 10.48 -12.99
N ASN A 244 9.51 9.94 -11.80
CA ASN A 244 10.88 9.81 -11.30
C ASN A 244 11.69 8.76 -12.00
N LEU A 245 11.07 7.95 -12.88
CA LEU A 245 11.87 6.97 -13.63
C LEU A 245 12.90 7.63 -14.54
N VAL A 246 12.71 8.92 -14.91
CA VAL A 246 13.68 9.61 -15.76
C VAL A 246 14.62 10.51 -14.93
N ARG A 247 14.55 10.43 -13.59
CA ARG A 247 15.38 11.26 -12.71
C ARG A 247 16.86 11.05 -13.00
N GLY A 248 17.57 12.15 -13.22
CA GLY A 248 19.01 12.13 -13.47
C GLY A 248 19.45 11.67 -14.84
N GLU A 249 18.52 11.52 -15.78
CA GLU A 249 18.85 11.04 -17.11
C GLU A 249 19.00 12.10 -18.18
N ILE A 250 19.81 11.81 -19.22
CA ILE A 250 19.92 12.60 -20.43
C ILE A 250 19.39 11.68 -21.52
N ILE A 251 18.23 12.02 -22.07
CA ILE A 251 17.52 11.23 -23.07
C ILE A 251 17.67 11.79 -24.47
N ASP A 252 17.92 10.92 -25.45
CA ASP A 252 18.00 11.34 -26.84
C ASP A 252 16.57 11.74 -27.25
N GLU A 253 16.38 12.91 -27.88
CA GLU A 253 15.05 13.38 -28.31
C GLU A 253 14.33 12.38 -29.23
N ASP A 254 15.11 11.56 -30.00
CA ASP A 254 14.49 10.54 -30.85
C ASP A 254 13.83 9.43 -30.01
N ASP A 255 14.17 9.35 -28.70
CA ASP A 255 13.56 8.40 -27.74
C ASP A 255 12.38 9.02 -26.98
N LEU A 256 12.06 10.29 -27.30
CA LEU A 256 10.91 10.96 -26.73
C LEU A 256 9.81 11.01 -27.81
N PRO A 257 8.53 10.98 -27.44
CA PRO A 257 7.99 10.94 -26.06
C PRO A 257 8.10 9.57 -25.41
N ILE A 258 8.25 9.59 -24.08
CA ILE A 258 8.17 8.38 -23.22
C ILE A 258 6.75 8.45 -22.65
N LYS A 259 5.96 7.39 -22.85
CA LYS A 259 4.57 7.36 -22.41
C LYS A 259 4.41 6.14 -21.49
N MET A 260 4.07 6.38 -20.22
CA MET A 260 3.99 5.32 -19.23
C MET A 260 2.63 5.30 -18.58
N THR A 261 2.16 4.09 -18.22
CA THR A 261 0.90 3.95 -17.46
C THR A 261 1.11 2.93 -16.35
N ALA A 262 0.34 3.08 -15.29
CA ALA A 262 0.36 2.11 -14.20
C ALA A 262 -0.99 2.15 -13.52
N HIS A 263 -1.35 1.03 -12.89
CA HIS A 263 -2.54 0.93 -12.05
C HIS A 263 -2.04 0.68 -10.65
N THR A 264 -2.31 1.62 -9.72
CA THR A 264 -1.81 1.44 -8.36
C THR A 264 -2.87 1.88 -7.39
N PRO A 265 -2.79 1.38 -6.14
CA PRO A 265 -3.53 2.02 -5.05
C PRO A 265 -2.81 3.37 -4.80
N CYS A 266 -3.55 4.33 -4.25
CA CYS A 266 -3.10 5.70 -4.00
C CYS A 266 -3.53 6.00 -2.58
N PHE A 267 -2.63 6.57 -1.80
CA PHE A 267 -2.86 6.81 -0.38
C PHE A 267 -2.74 8.27 -0.07
N ARG A 268 -3.76 8.82 0.59
CA ARG A 268 -3.78 10.25 0.89
C ARG A 268 -4.34 10.48 2.26
N SER A 269 -3.70 11.39 3.03
CA SER A 269 -4.20 11.70 4.37
C SER A 269 -5.53 12.44 4.33
N GLU A 270 -5.80 13.17 3.25
CA GLU A 270 -7.02 13.99 3.07
C GLU A 270 -7.19 14.98 4.23
N ALA A 271 -6.07 15.55 4.67
CA ALA A 271 -6.07 16.55 5.75
C ALA A 271 -6.85 17.78 5.25
N GLY A 272 -7.63 18.39 6.13
CA GLY A 272 -8.45 19.56 5.78
C GLY A 272 -9.80 19.26 5.15
N SER A 273 -10.18 17.98 5.11
CA SER A 273 -11.44 17.51 4.51
C SER A 273 -12.52 17.18 5.56
N TYR A 274 -12.64 18.00 6.64
CA TYR A 274 -13.62 17.73 7.69
C TYR A 274 -15.06 17.89 7.20
N GLY A 275 -15.77 16.76 7.17
CA GLY A 275 -17.16 16.72 6.75
C GLY A 275 -17.39 16.91 5.26
N ARG A 276 -16.32 16.80 4.43
CA ARG A 276 -16.46 16.91 2.98
C ARG A 276 -16.44 15.49 2.45
N ASP A 277 -17.51 15.09 1.71
CA ASP A 277 -17.65 13.76 1.13
C ASP A 277 -17.46 12.65 2.16
N THR A 278 -18.19 12.79 3.30
CA THR A 278 -18.15 11.85 4.43
C THR A 278 -18.67 10.46 4.01
N ARG A 279 -19.69 10.44 3.15
CA ARG A 279 -20.34 9.22 2.70
C ARG A 279 -19.79 8.78 1.37
N GLY A 280 -19.41 7.52 1.28
CA GLY A 280 -19.05 6.96 0.00
C GLY A 280 -17.61 6.95 -0.41
N LEU A 281 -17.44 6.66 -1.70
CA LEU A 281 -16.13 6.45 -2.28
C LEU A 281 -15.44 7.69 -2.86
N ILE A 282 -16.08 8.87 -2.85
CA ILE A 282 -15.45 9.99 -3.54
C ILE A 282 -14.13 10.46 -2.93
N ARG A 283 -14.03 10.45 -1.60
CA ARG A 283 -12.78 10.90 -0.94
C ARG A 283 -12.37 9.81 0.05
N MET A 284 -11.33 9.05 -0.30
CA MET A 284 -10.91 7.90 0.53
C MET A 284 -9.42 8.02 0.87
N HIS A 285 -8.99 7.34 1.91
CA HIS A 285 -7.54 7.30 2.21
C HIS A 285 -6.81 6.41 1.18
N GLN A 286 -7.52 5.44 0.61
CA GLN A 286 -6.95 4.49 -0.35
C GLN A 286 -7.90 4.40 -1.52
N PHE A 287 -7.40 4.63 -2.72
CA PHE A 287 -8.19 4.49 -3.93
C PHE A 287 -7.29 4.01 -5.05
N ASP A 288 -7.88 3.26 -5.99
CA ASP A 288 -7.08 2.84 -7.14
C ASP A 288 -7.17 3.87 -8.24
N LYS A 289 -6.10 3.98 -9.04
CA LYS A 289 -6.12 4.93 -10.16
C LYS A 289 -5.20 4.41 -11.24
N VAL A 290 -5.66 4.52 -12.50
CA VAL A 290 -4.84 4.18 -13.67
C VAL A 290 -4.29 5.52 -14.14
N GLU A 291 -2.98 5.69 -14.04
CA GLU A 291 -2.30 6.94 -14.31
C GLU A 291 -1.61 6.90 -15.66
N MET A 292 -1.60 8.05 -16.34
CA MET A 292 -0.82 8.28 -17.55
C MET A 292 0.26 9.31 -17.26
N VAL A 293 1.51 9.07 -17.74
CA VAL A 293 2.59 10.05 -17.58
C VAL A 293 3.28 10.14 -18.92
N GLN A 294 3.61 11.38 -19.35
CA GLN A 294 4.40 11.59 -20.57
C GLN A 294 5.62 12.41 -20.25
N ILE A 295 6.75 12.02 -20.88
CA ILE A 295 8.00 12.75 -20.80
C ILE A 295 8.21 13.19 -22.24
N VAL A 296 8.27 14.51 -22.48
CA VAL A 296 8.32 15.01 -23.85
C VAL A 296 9.35 16.09 -24.06
N ARG A 297 9.70 16.35 -25.33
CA ARG A 297 10.57 17.48 -25.64
C ARG A 297 9.79 18.79 -25.30
N PRO A 298 10.51 19.85 -24.85
CA PRO A 298 9.82 21.10 -24.46
C PRO A 298 8.83 21.69 -25.46
N GLU A 299 9.12 21.55 -26.77
CA GLU A 299 8.25 22.11 -27.81
C GLU A 299 6.93 21.39 -27.98
N ASP A 300 6.82 20.14 -27.48
CA ASP A 300 5.64 19.31 -27.71
C ASP A 300 4.70 19.14 -26.53
N SER A 301 4.98 19.79 -25.39
CA SER A 301 4.16 19.52 -24.22
C SER A 301 2.72 20.02 -24.29
N MET A 302 2.45 21.18 -24.95
CA MET A 302 1.03 21.59 -25.01
C MET A 302 0.23 20.65 -25.90
N ALA A 303 0.82 20.18 -27.02
CA ALA A 303 0.11 19.22 -27.86
C ALA A 303 -0.06 17.89 -27.10
N ALA A 304 0.94 17.49 -26.33
CA ALA A 304 0.87 16.24 -25.53
C ALA A 304 -0.26 16.34 -24.48
N LEU A 305 -0.48 17.53 -23.91
CA LEU A 305 -1.57 17.68 -22.95
C LEU A 305 -2.92 17.43 -23.62
N GLU A 306 -3.11 17.94 -24.87
CA GLU A 306 -4.38 17.70 -25.55
C GLU A 306 -4.53 16.21 -25.86
N GLU A 307 -3.44 15.56 -26.31
CA GLU A 307 -3.48 14.14 -26.62
C GLU A 307 -3.86 13.30 -25.38
N MET A 308 -3.16 13.53 -24.26
CA MET A 308 -3.36 12.78 -23.03
C MET A 308 -4.75 13.04 -22.46
N THR A 309 -5.23 14.29 -22.49
CA THR A 309 -6.59 14.56 -21.98
C THR A 309 -7.60 13.79 -22.84
N GLY A 310 -7.36 13.74 -24.15
CA GLY A 310 -8.21 12.98 -25.07
C GLY A 310 -8.20 11.49 -24.72
N HIS A 311 -7.03 10.97 -24.26
CA HIS A 311 -6.95 9.57 -23.86
C HIS A 311 -7.86 9.28 -22.68
N ALA A 312 -7.90 10.23 -21.70
CA ALA A 312 -8.76 10.06 -20.54
C ALA A 312 -10.24 10.22 -20.96
N GLU A 313 -10.55 11.21 -21.82
CA GLU A 313 -11.92 11.39 -22.32
C GLU A 313 -12.40 10.12 -23.00
N LYS A 314 -11.52 9.41 -23.75
CA LYS A 314 -11.94 8.19 -24.44
C LYS A 314 -12.44 7.12 -23.45
N VAL A 315 -11.85 7.04 -22.24
CA VAL A 315 -12.32 6.07 -21.25
C VAL A 315 -13.79 6.40 -20.91
N LEU A 316 -14.09 7.68 -20.66
CA LEU A 316 -15.46 8.09 -20.32
C LEU A 316 -16.43 7.85 -21.48
N GLN A 317 -16.02 8.21 -22.71
CA GLN A 317 -16.88 7.99 -23.87
C GLN A 317 -17.19 6.51 -24.05
N LEU A 318 -16.17 5.66 -23.96
CA LEU A 318 -16.37 4.22 -24.16
C LEU A 318 -17.26 3.60 -23.08
N LEU A 319 -17.23 4.17 -21.87
CA LEU A 319 -18.08 3.73 -20.76
C LEU A 319 -19.47 4.38 -20.82
N GLY A 320 -19.72 5.29 -21.77
CA GLY A 320 -21.02 5.95 -21.91
C GLY A 320 -21.33 6.88 -20.75
N LEU A 321 -20.30 7.53 -20.19
CA LEU A 321 -20.48 8.41 -19.04
C LEU A 321 -20.40 9.90 -19.42
N PRO A 322 -21.51 10.65 -19.27
CA PRO A 322 -21.47 12.08 -19.58
C PRO A 322 -20.46 12.81 -18.71
N TYR A 323 -19.77 13.79 -19.30
CA TYR A 323 -18.74 14.53 -18.57
C TYR A 323 -18.59 15.91 -19.16
N ARG A 324 -17.85 16.75 -18.45
CA ARG A 324 -17.47 18.07 -18.92
C ARG A 324 -15.97 18.17 -18.75
N LYS A 325 -15.35 18.96 -19.63
CA LYS A 325 -13.92 19.23 -19.57
C LYS A 325 -13.80 20.69 -19.18
N ILE A 326 -13.09 20.94 -18.09
CA ILE A 326 -12.91 22.29 -17.54
C ILE A 326 -11.43 22.63 -17.55
N ILE A 327 -11.07 23.88 -17.87
CA ILE A 327 -9.69 24.33 -17.68
C ILE A 327 -9.67 25.04 -16.32
N LEU A 328 -8.73 24.67 -15.45
CA LEU A 328 -8.66 25.31 -14.14
C LEU A 328 -8.07 26.70 -14.31
N CYS A 329 -8.60 27.63 -13.51
CA CYS A 329 -8.03 28.98 -13.55
C CYS A 329 -6.74 29.00 -12.73
N THR A 330 -6.01 30.12 -12.81
CA THR A 330 -4.73 30.25 -12.12
C THR A 330 -4.81 29.96 -10.63
N GLY A 331 -5.85 30.48 -9.96
CA GLY A 331 -5.99 30.31 -8.52
C GLY A 331 -6.46 28.95 -8.06
N ASP A 332 -6.90 28.07 -8.98
CA ASP A 332 -7.38 26.74 -8.59
C ASP A 332 -6.43 25.59 -9.00
N MET A 333 -5.24 25.93 -9.44
N MET A 333 -5.25 25.91 -9.57
CA MET A 333 -4.29 24.93 -9.89
CA MET A 333 -4.31 24.87 -10.01
C MET A 333 -3.45 24.35 -8.80
C MET A 333 -3.48 24.34 -8.86
N GLY A 334 -3.03 23.10 -9.00
CA GLY A 334 -2.15 22.40 -8.09
C GLY A 334 -0.75 22.99 -8.22
N PHE A 335 0.06 22.76 -7.20
CA PHE A 335 1.41 23.32 -7.02
C PHE A 335 2.33 23.23 -8.26
N GLY A 336 2.42 22.06 -8.87
CA GLY A 336 3.38 21.88 -9.95
C GLY A 336 2.85 22.10 -11.35
N ALA A 337 1.53 22.30 -11.51
CA ALA A 337 0.99 22.44 -12.87
C ALA A 337 1.21 23.83 -13.45
N CYS A 338 1.41 23.88 -14.79
CA CYS A 338 1.36 25.15 -15.50
C CYS A 338 0.03 25.28 -16.25
N LYS A 339 -0.68 24.15 -16.47
CA LYS A 339 -1.98 24.16 -17.14
C LYS A 339 -2.63 22.82 -16.80
N THR A 340 -3.89 22.85 -16.38
CA THR A 340 -4.62 21.65 -16.00
C THR A 340 -6.03 21.62 -16.56
N TYR A 341 -6.43 20.47 -17.10
CA TYR A 341 -7.83 20.22 -17.44
C TYR A 341 -8.38 19.27 -16.42
N ASP A 342 -9.60 19.58 -15.90
N ASP A 342 -9.58 19.54 -15.97
CA ASP A 342 -10.40 18.79 -14.95
CA ASP A 342 -10.22 18.56 -15.15
C ASP A 342 -11.52 18.08 -15.76
C ASP A 342 -11.34 18.01 -15.96
N LEU A 343 -11.50 16.72 -15.86
CA LEU A 343 -12.63 16.03 -16.48
C LEU A 343 -13.57 15.72 -15.33
N GLU A 344 -14.83 16.12 -15.42
CA GLU A 344 -15.79 15.87 -14.35
C GLU A 344 -16.96 15.09 -14.89
N VAL A 345 -17.27 13.99 -14.19
CA VAL A 345 -18.28 13.03 -14.63
C VAL A 345 -19.61 13.27 -13.94
N TRP A 346 -20.71 12.94 -14.61
CA TRP A 346 -22.04 13.11 -14.04
C TRP A 346 -22.31 12.10 -12.96
N ILE A 347 -22.75 12.61 -11.78
CA ILE A 347 -23.05 11.75 -10.62
C ILE A 347 -24.54 12.01 -10.29
N PRO A 348 -25.41 11.10 -10.80
CA PRO A 348 -26.87 11.28 -10.63
C PRO A 348 -27.34 11.61 -9.23
N ALA A 349 -26.86 10.87 -8.20
CA ALA A 349 -27.38 11.12 -6.82
C ALA A 349 -26.98 12.45 -6.24
N GLN A 350 -25.94 13.08 -6.81
CA GLN A 350 -25.49 14.39 -6.34
C GLN A 350 -26.00 15.51 -7.22
N ASN A 351 -26.63 15.16 -8.37
CA ASN A 351 -27.16 16.13 -9.34
C ASN A 351 -26.08 17.14 -9.76
N THR A 352 -24.84 16.63 -9.98
CA THR A 352 -23.75 17.49 -10.39
C THR A 352 -22.67 16.63 -11.00
N TYR A 353 -21.65 17.28 -11.51
CA TYR A 353 -20.49 16.59 -12.03
C TYR A 353 -19.40 16.62 -10.95
N ARG A 354 -18.61 15.53 -10.85
CA ARG A 354 -17.51 15.42 -9.89
C ARG A 354 -16.26 15.07 -10.65
N GLU A 355 -15.13 15.65 -10.26
N GLU A 355 -15.12 15.59 -10.20
CA GLU A 355 -13.86 15.38 -10.95
CA GLU A 355 -13.80 15.37 -10.83
C GLU A 355 -13.56 13.90 -10.95
C GLU A 355 -13.34 13.90 -10.89
N ILE A 356 -13.16 13.38 -12.13
CA ILE A 356 -12.77 11.99 -12.34
C ILE A 356 -11.34 11.88 -12.87
N SER A 357 -10.81 12.99 -13.40
CA SER A 357 -9.42 13.06 -13.85
C SER A 357 -8.93 14.47 -13.80
N SER A 358 -7.64 14.63 -13.52
N SER A 358 -7.62 14.64 -13.55
CA SER A 358 -6.92 15.89 -13.62
CA SER A 358 -6.93 15.93 -13.64
C SER A 358 -5.82 15.56 -14.62
C SER A 358 -5.73 15.68 -14.56
N CYS A 359 -5.69 16.38 -15.68
CA CYS A 359 -4.64 16.22 -16.71
C CYS A 359 -3.81 17.50 -16.74
N SER A 360 -2.49 17.38 -16.50
CA SER A 360 -1.65 18.55 -16.39
C SER A 360 -0.39 18.54 -17.22
N ASN A 361 -0.03 19.74 -17.66
CA ASN A 361 1.31 19.98 -18.25
C ASN A 361 2.10 20.57 -17.09
N VAL A 362 3.20 19.93 -16.70
CA VAL A 362 4.01 20.41 -15.55
C VAL A 362 5.18 21.25 -16.04
N TRP A 363 5.27 21.45 -17.35
CA TRP A 363 6.38 22.20 -17.98
C TRP A 363 7.71 21.55 -17.57
N ASP A 364 8.70 22.34 -17.16
CA ASP A 364 10.03 21.80 -16.78
C ASP A 364 10.20 21.80 -15.26
N PHE A 365 9.12 22.01 -14.52
CA PHE A 365 9.16 22.15 -13.04
C PHE A 365 9.64 20.89 -12.30
N GLN A 366 9.08 19.72 -12.62
CA GLN A 366 9.58 18.49 -12.02
C GLN A 366 10.90 18.11 -12.68
N ALA A 367 11.02 18.28 -14.02
CA ALA A 367 12.27 17.93 -14.70
C ALA A 367 13.44 18.65 -14.03
N ARG A 368 13.26 19.93 -13.60
CA ARG A 368 14.34 20.68 -12.97
C ARG A 368 14.73 20.05 -11.62
N ARG A 369 13.72 19.69 -10.83
CA ARG A 369 13.97 19.06 -9.54
C ARG A 369 14.69 17.72 -9.71
N MET A 370 14.36 16.99 -10.79
CA MET A 370 14.90 15.65 -11.03
C MET A 370 16.15 15.66 -11.90
N GLN A 371 16.48 16.82 -12.49
CA GLN A 371 17.55 16.96 -13.48
C GLN A 371 17.39 15.93 -14.63
N ALA A 372 16.17 15.88 -15.18
CA ALA A 372 15.77 15.02 -16.29
C ALA A 372 15.90 15.87 -17.56
N ARG A 373 16.84 15.51 -18.42
CA ARG A 373 17.18 16.32 -19.60
C ARG A 373 17.11 15.53 -20.90
N CYS A 374 17.16 16.24 -22.04
CA CYS A 374 17.18 15.61 -23.36
C CYS A 374 18.20 16.32 -24.26
N ARG A 375 18.72 15.58 -25.23
CA ARG A 375 19.72 16.09 -26.19
C ARG A 375 19.19 15.91 -27.62
N SER A 376 19.26 16.96 -28.44
CA SER A 376 18.81 16.97 -29.84
C SER A 376 19.94 16.60 -30.80
N LYS A 377 19.69 15.61 -31.66
N LYS A 380 25.44 17.76 -28.92
CA LYS A 380 24.84 19.10 -28.89
C LYS A 380 24.63 19.57 -27.44
N LYS A 381 23.73 20.55 -27.21
CA LYS A 381 23.39 21.08 -25.89
C LYS A 381 22.23 20.28 -25.28
N THR A 382 22.14 20.27 -23.93
CA THR A 382 21.02 19.58 -23.26
C THR A 382 20.02 20.59 -22.70
N ARG A 383 18.78 20.17 -22.59
CA ARG A 383 17.76 21.02 -21.99
C ARG A 383 16.83 20.14 -21.19
N LEU A 384 16.07 20.76 -20.31
CA LEU A 384 15.15 19.99 -19.48
C LEU A 384 13.97 19.50 -20.29
N VAL A 385 13.55 18.27 -20.03
CA VAL A 385 12.35 17.76 -20.67
C VAL A 385 11.13 18.42 -20.03
N HIS A 386 9.97 18.18 -20.60
CA HIS A 386 8.73 18.55 -19.95
C HIS A 386 8.04 17.26 -19.46
N THR A 387 7.24 17.39 -18.39
CA THR A 387 6.53 16.22 -17.88
C THR A 387 5.06 16.53 -17.84
N LEU A 388 4.24 15.50 -18.00
CA LEU A 388 2.77 15.63 -17.95
C LEU A 388 2.24 14.42 -17.23
N ASN A 389 1.10 14.57 -16.58
CA ASN A 389 0.44 13.47 -15.91
C ASN A 389 -1.05 13.65 -15.97
N GLY A 390 -1.76 12.54 -16.01
CA GLY A 390 -3.21 12.60 -16.13
C GLY A 390 -3.88 11.33 -15.69
N SER A 391 -5.03 11.46 -15.00
CA SER A 391 -5.74 10.23 -14.57
C SER A 391 -6.47 9.62 -15.76
N GLY A 392 -6.39 8.30 -15.92
CA GLY A 392 -7.11 7.69 -17.02
C GLY A 392 -7.79 6.37 -16.67
N LEU A 393 -8.57 6.26 -15.57
CA LEU A 393 -9.06 7.31 -14.67
C LEU A 393 -8.85 6.92 -13.20
N ALA A 394 -9.34 7.74 -12.27
CA ALA A 394 -9.45 7.34 -10.85
C ALA A 394 -10.53 6.23 -10.84
N VAL A 395 -10.16 5.00 -10.41
CA VAL A 395 -11.05 3.84 -10.55
C VAL A 395 -12.25 3.86 -9.59
N GLY A 396 -12.03 4.27 -8.35
CA GLY A 396 -13.12 4.35 -7.37
C GLY A 396 -14.20 5.31 -7.84
N ARG A 397 -13.80 6.52 -8.28
CA ARG A 397 -14.81 7.48 -8.74
C ARG A 397 -15.46 7.00 -10.04
N THR A 398 -14.73 6.22 -10.85
CA THR A 398 -15.35 5.71 -12.06
C THR A 398 -16.41 4.68 -11.65
N LEU A 399 -16.09 3.87 -10.64
CA LEU A 399 -17.09 2.90 -10.16
C LEU A 399 -18.34 3.62 -9.66
N VAL A 400 -18.18 4.72 -8.89
CA VAL A 400 -19.34 5.50 -8.43
C VAL A 400 -20.18 5.88 -9.66
N ALA A 401 -19.51 6.46 -10.69
CA ALA A 401 -20.23 6.92 -11.88
C ALA A 401 -20.92 5.77 -12.62
N VAL A 402 -20.27 4.60 -12.73
CA VAL A 402 -20.93 3.48 -13.41
C VAL A 402 -22.13 3.00 -12.60
N MET A 403 -21.93 2.77 -11.29
CA MET A 403 -23.04 2.30 -10.48
C MET A 403 -24.26 3.21 -10.54
N GLU A 404 -24.05 4.52 -10.43
CA GLU A 404 -25.19 5.43 -10.39
C GLU A 404 -25.80 5.68 -11.75
N ASN A 405 -24.98 5.81 -12.79
CA ASN A 405 -25.54 6.07 -14.11
C ASN A 405 -26.21 4.84 -14.74
N TYR A 406 -25.79 3.63 -14.33
CA TYR A 406 -26.33 2.41 -14.96
C TYR A 406 -27.34 1.67 -14.09
N GLN A 407 -27.74 2.28 -12.98
CA GLN A 407 -28.73 1.66 -12.07
C GLN A 407 -30.07 1.50 -12.76
N GLN A 408 -30.79 0.45 -12.35
CA GLN A 408 -32.14 0.13 -12.87
C GLN A 408 -33.15 0.37 -11.77
N ALA A 409 -34.44 0.43 -12.11
CA ALA A 409 -35.46 0.70 -11.09
C ALA A 409 -35.41 -0.24 -9.89
N ASP A 410 -35.09 -1.53 -10.13
CA ASP A 410 -35.06 -2.52 -9.06
C ASP A 410 -33.74 -2.58 -8.30
N GLY A 411 -32.82 -1.69 -8.60
CA GLY A 411 -31.54 -1.67 -7.90
C GLY A 411 -30.45 -2.43 -8.60
N ARG A 412 -30.77 -3.20 -9.67
CA ARG A 412 -29.70 -3.89 -10.42
C ARG A 412 -28.89 -2.81 -11.14
N ILE A 413 -27.67 -3.14 -11.53
CA ILE A 413 -26.84 -2.18 -12.26
C ILE A 413 -26.46 -2.83 -13.58
N GLU A 414 -26.75 -2.18 -14.68
CA GLU A 414 -26.37 -2.70 -15.99
C GLU A 414 -24.86 -2.59 -16.12
N VAL A 415 -24.21 -3.67 -16.56
CA VAL A 415 -22.78 -3.62 -16.78
C VAL A 415 -22.52 -2.93 -18.14
N PRO A 416 -21.71 -1.83 -18.16
CA PRO A 416 -21.37 -1.19 -19.43
C PRO A 416 -20.81 -2.20 -20.41
N GLU A 417 -21.22 -2.08 -21.69
CA GLU A 417 -20.85 -3.03 -22.73
C GLU A 417 -19.35 -3.35 -22.76
N VAL A 418 -18.49 -2.32 -22.67
CA VAL A 418 -17.03 -2.51 -22.78
C VAL A 418 -16.45 -3.30 -21.60
N LEU A 419 -17.16 -3.36 -20.47
CA LEU A 419 -16.69 -4.13 -19.32
C LEU A 419 -17.14 -5.59 -19.33
N ARG A 420 -18.17 -5.93 -20.13
CA ARG A 420 -18.68 -7.31 -20.13
C ARG A 420 -17.59 -8.36 -20.43
N PRO A 421 -16.65 -8.13 -21.40
CA PRO A 421 -15.58 -9.11 -21.62
C PRO A 421 -14.62 -9.27 -20.45
N TYR A 422 -14.61 -8.29 -19.51
CA TYR A 422 -13.75 -8.34 -18.32
C TYR A 422 -14.51 -8.85 -17.11
N MET A 423 -15.80 -9.18 -17.29
N MET A 423 -15.81 -9.12 -17.29
CA MET A 423 -16.64 -9.67 -16.20
CA MET A 423 -16.75 -9.56 -16.27
C MET A 423 -17.28 -10.99 -16.54
C MET A 423 -17.29 -10.97 -16.53
N ASN A 424 -16.58 -11.80 -17.35
CA ASN A 424 -17.05 -13.13 -17.74
C ASN A 424 -18.49 -13.06 -18.39
N GLY A 425 -18.72 -11.96 -19.12
CA GLY A 425 -19.97 -11.68 -19.85
C GLY A 425 -21.15 -11.26 -19.00
N LEU A 426 -20.94 -10.96 -17.71
CA LEU A 426 -22.05 -10.54 -16.83
C LEU A 426 -22.79 -9.32 -17.42
N GLU A 427 -24.13 -9.41 -17.50
CA GLU A 427 -24.92 -8.29 -18.06
C GLU A 427 -25.41 -7.30 -16.99
N TYR A 428 -25.72 -7.81 -15.80
CA TYR A 428 -26.19 -6.98 -14.70
C TYR A 428 -25.63 -7.41 -13.38
N ILE A 429 -25.39 -6.43 -12.52
N ILE A 429 -25.39 -6.45 -12.50
CA ILE A 429 -25.04 -6.62 -11.11
CA ILE A 429 -24.98 -6.75 -11.13
C ILE A 429 -26.40 -6.89 -10.45
C ILE A 429 -26.29 -6.83 -10.34
N GLY A 430 -26.50 -7.97 -9.70
CA GLY A 430 -27.71 -8.29 -8.94
C GLY A 430 -28.20 -9.69 -9.16
N MET B 1 -4.76 -17.49 19.88
CA MET B 1 -4.87 -17.99 21.25
C MET B 1 -5.38 -19.41 21.31
N LEU B 2 -4.83 -20.19 22.26
CA LEU B 2 -5.30 -21.55 22.51
C LEU B 2 -6.53 -21.49 23.40
N ASP B 3 -7.27 -22.60 23.43
CA ASP B 3 -8.43 -22.76 24.29
C ASP B 3 -8.00 -22.58 25.75
N PRO B 4 -8.46 -21.54 26.49
CA PRO B 4 -8.04 -21.38 27.90
C PRO B 4 -8.36 -22.62 28.75
N ASN B 5 -9.41 -23.39 28.38
CA ASN B 5 -9.75 -24.64 29.09
C ASN B 5 -8.69 -25.72 28.91
N LEU B 6 -8.00 -25.76 27.74
CA LEU B 6 -6.91 -26.72 27.54
C LEU B 6 -5.71 -26.28 28.39
N LEU B 7 -5.48 -24.94 28.48
CA LEU B 7 -4.40 -24.36 29.28
C LEU B 7 -4.61 -24.53 30.78
N ARG B 8 -5.88 -24.51 31.24
CA ARG B 8 -6.19 -24.69 32.67
C ARG B 8 -6.28 -26.17 33.05
N ASN B 9 -6.90 -27.01 32.19
CA ASN B 9 -7.16 -28.43 32.51
C ASN B 9 -6.09 -29.41 32.06
N GLU B 10 -5.38 -29.13 30.98
CA GLU B 10 -4.29 -30.00 30.51
C GLU B 10 -3.03 -29.14 30.24
N PRO B 11 -2.58 -28.21 31.16
CA PRO B 11 -1.36 -27.41 30.87
C PRO B 11 -0.13 -28.23 30.53
N ASP B 12 0.08 -29.36 31.23
CA ASP B 12 1.28 -30.17 30.96
C ASP B 12 1.24 -30.81 29.55
N ALA B 13 0.07 -31.35 29.13
CA ALA B 13 -0.10 -31.96 27.78
C ALA B 13 0.04 -30.91 26.68
N VAL B 14 -0.43 -29.67 26.95
CA VAL B 14 -0.30 -28.55 26.03
C VAL B 14 1.20 -28.17 25.92
N ALA B 15 1.90 -28.05 27.06
CA ALA B 15 3.33 -27.72 27.06
C ALA B 15 4.13 -28.73 26.21
N GLU B 16 3.80 -30.04 26.33
CA GLU B 16 4.47 -31.12 25.60
C GLU B 16 4.35 -30.97 24.08
N LYS B 17 3.12 -30.65 23.60
CA LYS B 17 2.87 -30.45 22.18
C LYS B 17 3.59 -29.20 21.70
N LEU B 18 3.59 -28.13 22.55
CA LEU B 18 4.29 -26.90 22.19
C LEU B 18 5.81 -27.09 22.09
N ALA B 19 6.39 -27.97 22.94
CA ALA B 19 7.83 -28.24 22.91
C ALA B 19 8.28 -28.78 21.54
N ARG B 20 7.39 -29.52 20.85
CA ARG B 20 7.63 -30.07 19.50
C ARG B 20 7.84 -28.96 18.47
N ARG B 21 7.30 -27.75 18.73
CA ARG B 21 7.46 -26.54 17.91
C ARG B 21 8.66 -25.72 18.34
N GLY B 22 9.31 -26.12 19.43
CA GLY B 22 10.42 -25.37 19.99
C GLY B 22 9.94 -24.25 20.88
N PHE B 23 8.67 -24.32 21.37
CA PHE B 23 8.16 -23.30 22.27
C PHE B 23 8.09 -23.85 23.68
N LYS B 24 8.66 -23.13 24.66
CA LYS B 24 8.66 -23.54 26.06
C LYS B 24 7.62 -22.75 26.84
N LEU B 25 6.49 -23.40 27.13
CA LEU B 25 5.45 -22.75 27.91
C LEU B 25 5.76 -22.92 29.40
N ASP B 26 5.80 -21.81 30.11
CA ASP B 26 6.06 -21.84 31.54
C ASP B 26 4.73 -22.13 32.24
N VAL B 27 4.42 -23.43 32.36
CA VAL B 27 3.20 -23.96 33.00
C VAL B 27 3.03 -23.46 34.44
N ASP B 28 4.12 -23.50 35.24
CA ASP B 28 4.01 -23.14 36.64
C ASP B 28 3.80 -21.64 36.86
N LYS B 29 4.37 -20.79 36.00
CA LYS B 29 4.13 -19.33 36.12
C LYS B 29 2.66 -19.05 35.79
N LEU B 30 2.17 -19.59 34.66
CA LEU B 30 0.77 -19.38 34.26
C LEU B 30 -0.19 -19.97 35.30
N GLY B 31 0.11 -21.16 35.81
CA GLY B 31 -0.71 -21.83 36.83
C GLY B 31 -0.87 -20.99 38.08
N ALA B 32 0.23 -20.35 38.52
CA ALA B 32 0.20 -19.49 39.72
C ALA B 32 -0.69 -18.26 39.47
N LEU B 33 -0.63 -17.70 38.24
CA LEU B 33 -1.49 -16.56 37.93
C LEU B 33 -2.95 -17.01 37.86
N GLU B 34 -3.21 -18.20 37.28
CA GLU B 34 -4.58 -18.73 37.18
C GLU B 34 -5.18 -18.97 38.55
N GLU B 35 -4.36 -19.48 39.50
CA GLU B 35 -4.79 -19.71 40.89
C GLU B 35 -5.14 -18.37 41.57
N ARG B 36 -4.30 -17.34 41.39
CA ARG B 36 -4.56 -15.99 41.92
C ARG B 36 -5.83 -15.40 41.32
N ARG B 37 -6.06 -15.62 40.00
N ARG B 37 -6.06 -15.64 40.01
CA ARG B 37 -7.28 -15.13 39.33
CA ARG B 37 -7.24 -15.19 39.27
C ARG B 37 -8.52 -15.78 39.94
C ARG B 37 -8.51 -15.80 39.88
N LYS B 38 -8.50 -17.13 40.16
CA LYS B 38 -9.65 -17.84 40.76
C LYS B 38 -9.95 -17.28 42.16
N VAL B 39 -8.91 -17.06 42.98
CA VAL B 39 -9.09 -16.47 44.34
C VAL B 39 -9.73 -15.08 44.26
N LEU B 40 -9.26 -14.24 43.31
CA LEU B 40 -9.81 -12.89 43.14
C LEU B 40 -11.23 -12.90 42.59
N GLN B 41 -11.57 -13.87 41.72
N GLN B 41 -11.58 -13.88 41.72
CA GLN B 41 -12.91 -13.99 41.17
CA GLN B 41 -12.94 -13.98 41.19
C GLN B 41 -13.90 -14.32 42.30
C GLN B 41 -13.90 -14.31 42.32
N VAL B 42 -13.53 -15.26 43.19
CA VAL B 42 -14.36 -15.64 44.33
C VAL B 42 -14.52 -14.45 45.27
N LYS B 43 -13.40 -13.74 45.52
CA LYS B 43 -13.41 -12.56 46.40
C LYS B 43 -14.35 -11.47 45.89
N THR B 44 -14.31 -11.18 44.57
CA THR B 44 -15.17 -10.16 44.00
C THR B 44 -16.64 -10.57 44.12
N GLU B 45 -16.95 -11.87 43.89
CA GLU B 45 -18.33 -12.34 44.02
C GLU B 45 -18.81 -12.23 45.47
N ASN B 46 -17.92 -12.54 46.44
CA ASN B 46 -18.28 -12.46 47.87
C ASN B 46 -18.52 -11.02 48.27
N LEU B 47 -17.62 -10.13 47.83
CA LEU B 47 -17.76 -8.70 48.14
C LEU B 47 -19.04 -8.12 47.54
N GLN B 48 -19.37 -8.53 46.31
CA GLN B 48 -20.59 -8.04 45.67
C GLN B 48 -21.84 -8.53 46.42
N ALA B 49 -21.87 -9.80 46.84
CA ALA B 49 -23.03 -10.31 47.59
C ALA B 49 -23.16 -9.61 48.93
N GLU B 50 -22.02 -9.41 49.60
CA GLU B 50 -22.01 -8.76 50.90
C GLU B 50 -22.44 -7.29 50.79
N ARG B 51 -21.90 -6.56 49.79
CA ARG B 51 -22.27 -5.16 49.56
C ARG B 51 -23.77 -5.02 49.24
N ASN B 52 -24.29 -5.90 48.37
CA ASN B 52 -25.71 -5.88 47.99
C ASN B 52 -26.62 -6.12 49.21
N SER B 53 -26.21 -7.04 50.09
CA SER B 53 -27.01 -7.35 51.30
C SER B 53 -26.99 -6.14 52.24
N ARG B 54 -25.80 -5.51 52.40
CA ARG B 54 -25.70 -4.36 53.31
C ARG B 54 -26.51 -3.17 52.73
N SER B 55 -26.61 -3.06 51.40
CA SER B 55 -27.41 -1.99 50.77
C SER B 55 -28.88 -2.20 51.04
N LYS B 56 -29.35 -3.48 50.98
CA LYS B 56 -30.75 -3.82 51.32
C LYS B 56 -31.00 -3.52 52.81
N SER B 57 -29.99 -3.79 53.67
CA SER B 57 -30.12 -3.48 55.10
C SER B 57 -30.26 -1.98 55.35
N ILE B 58 -29.57 -1.14 54.55
CA ILE B 58 -29.73 0.32 54.69
C ILE B 58 -31.16 0.71 54.42
N GLY B 59 -31.75 0.16 53.35
CA GLY B 59 -33.12 0.51 52.99
C GLY B 59 -34.09 0.18 54.10
N GLN B 60 -33.90 -0.99 54.70
CA GLN B 60 -34.77 -1.43 55.79
C GLN B 60 -34.54 -0.60 57.05
N ALA B 61 -33.27 -0.36 57.44
CA ALA B 61 -32.98 0.45 58.63
C ALA B 61 -33.54 1.86 58.47
N LYS B 62 -33.40 2.45 57.26
CA LYS B 62 -33.92 3.79 56.97
C LYS B 62 -35.44 3.80 57.15
N ALA B 63 -36.13 2.82 56.55
CA ALA B 63 -37.60 2.75 56.66
C ALA B 63 -38.07 2.54 58.11
N ARG B 64 -37.28 1.80 58.91
CA ARG B 64 -37.60 1.54 60.32
C ARG B 64 -37.23 2.73 61.23
N GLY B 65 -36.61 3.76 60.67
CA GLY B 65 -36.22 4.94 61.45
C GLY B 65 -34.97 4.72 62.28
N GLU B 66 -34.14 3.75 61.88
CA GLU B 66 -32.94 3.43 62.62
C GLU B 66 -31.76 4.20 62.07
N ASP B 67 -30.69 4.30 62.87
CA ASP B 67 -29.46 4.96 62.47
C ASP B 67 -28.84 4.16 61.31
N ILE B 68 -28.55 4.85 60.19
CA ILE B 68 -28.00 4.16 59.01
C ILE B 68 -26.52 4.43 58.84
N GLU B 69 -25.95 5.33 59.67
CA GLU B 69 -24.52 5.65 59.61
C GLU B 69 -23.61 4.39 59.75
N PRO B 70 -23.75 3.48 60.75
CA PRO B 70 -22.88 2.27 60.77
C PRO B 70 -22.94 1.43 59.49
N LEU B 71 -24.15 1.31 58.89
CA LEU B 71 -24.31 0.57 57.65
C LEU B 71 -23.71 1.32 56.47
N ARG B 72 -23.87 2.66 56.43
N ARG B 72 -23.87 2.67 56.44
CA ARG B 72 -23.30 3.46 55.35
CA ARG B 72 -23.32 3.53 55.39
C ARG B 72 -21.78 3.33 55.34
C ARG B 72 -21.79 3.37 55.35
N LEU B 73 -21.16 3.30 56.54
CA LEU B 73 -19.70 3.11 56.70
C LEU B 73 -19.28 1.74 56.12
N GLU B 74 -20.07 0.68 56.41
CA GLU B 74 -19.80 -0.67 55.89
C GLU B 74 -19.95 -0.72 54.37
N VAL B 75 -21.01 -0.13 53.82
CA VAL B 75 -21.25 -0.15 52.38
C VAL B 75 -20.15 0.59 51.63
N ASN B 76 -19.71 1.71 52.21
CA ASN B 76 -18.60 2.45 51.61
C ASN B 76 -17.34 1.61 51.65
N LYS B 77 -17.05 0.96 52.80
CA LYS B 77 -15.85 0.10 52.94
C LYS B 77 -15.86 -1.01 51.87
N LEU B 78 -17.01 -1.67 51.75
CA LEU B 78 -17.17 -2.77 50.81
C LEU B 78 -17.05 -2.32 49.36
N GLY B 79 -17.52 -1.10 49.05
CA GLY B 79 -17.41 -0.60 47.69
C GLY B 79 -15.96 -0.38 47.31
N GLU B 80 -15.18 0.13 48.27
CA GLU B 80 -13.76 0.34 48.01
C GLU B 80 -12.99 -0.96 47.92
N GLU B 81 -13.37 -1.95 48.77
CA GLU B 81 -12.72 -3.28 48.70
C GLU B 81 -13.04 -3.93 47.35
N LEU B 82 -14.29 -3.76 46.88
CA LEU B 82 -14.70 -4.27 45.57
C LEU B 82 -13.94 -3.55 44.44
N ASP B 83 -13.72 -2.21 44.56
CA ASP B 83 -12.90 -1.50 43.58
C ASP B 83 -11.45 -2.00 43.59
N ALA B 84 -10.89 -2.26 44.78
CA ALA B 84 -9.51 -2.80 44.84
C ALA B 84 -9.46 -4.20 44.20
N ALA B 85 -10.42 -5.07 44.52
CA ALA B 85 -10.40 -6.44 44.02
C ALA B 85 -10.62 -6.45 42.52
N LYS B 86 -11.47 -5.54 42.01
CA LYS B 86 -11.71 -5.47 40.57
C LYS B 86 -10.45 -4.96 39.83
N ALA B 87 -9.73 -3.97 40.40
CA ALA B 87 -8.48 -3.44 39.81
C ALA B 87 -7.43 -4.57 39.77
N GLU B 88 -7.33 -5.35 40.85
CA GLU B 88 -6.35 -6.45 40.90
C GLU B 88 -6.70 -7.56 39.91
N LEU B 89 -8.01 -7.90 39.82
CA LEU B 89 -8.46 -8.96 38.89
C LEU B 89 -8.21 -8.53 37.46
N ASP B 90 -8.50 -7.25 37.10
CA ASP B 90 -8.27 -6.72 35.76
C ASP B 90 -6.77 -6.75 35.42
N ALA B 91 -5.89 -6.40 36.38
CA ALA B 91 -4.45 -6.43 36.15
C ALA B 91 -3.97 -7.87 35.90
N LEU B 92 -4.50 -8.82 36.68
CA LEU B 92 -4.15 -10.24 36.55
C LEU B 92 -4.63 -10.82 35.22
N GLN B 93 -5.89 -10.54 34.86
CA GLN B 93 -6.43 -11.03 33.59
C GLN B 93 -5.62 -10.49 32.42
N ALA B 94 -5.14 -9.23 32.51
CA ALA B 94 -4.30 -8.60 31.47
C ALA B 94 -2.98 -9.35 31.35
N GLU B 95 -2.33 -9.68 32.52
CA GLU B 95 -1.08 -10.40 32.58
C GLU B 95 -1.24 -11.79 31.95
N ILE B 96 -2.33 -12.49 32.29
CA ILE B 96 -2.62 -13.81 31.73
C ILE B 96 -2.84 -13.70 30.22
N ARG B 97 -3.62 -12.70 29.77
N ARG B 97 -3.62 -12.70 29.77
CA ARG B 97 -3.88 -12.48 28.33
CA ARG B 97 -3.88 -12.49 28.33
C ARG B 97 -2.58 -12.21 27.58
C ARG B 97 -2.57 -12.21 27.58
N ASP B 98 -1.67 -11.41 28.16
CA ASP B 98 -0.37 -11.11 27.55
C ASP B 98 0.43 -12.40 27.30
N ILE B 99 0.46 -13.32 28.30
CA ILE B 99 1.14 -14.61 28.10
C ILE B 99 0.40 -15.42 27.02
N ALA B 100 -0.95 -15.52 27.12
CA ALA B 100 -1.76 -16.31 26.21
C ALA B 100 -1.53 -15.90 24.76
N LEU B 101 -1.35 -14.59 24.55
CA LEU B 101 -1.17 -14.06 23.18
C LEU B 101 0.20 -14.39 22.57
N THR B 102 1.15 -14.94 23.36
CA THR B 102 2.49 -15.28 22.82
C THR B 102 2.56 -16.75 22.41
N ILE B 103 1.53 -17.54 22.69
CA ILE B 103 1.61 -18.97 22.50
C ILE B 103 1.24 -19.37 21.09
N PRO B 104 2.11 -20.13 20.38
CA PRO B 104 1.74 -20.56 19.02
C PRO B 104 0.66 -21.64 19.03
N ASN B 105 0.09 -21.91 17.85
CA ASN B 105 -0.97 -22.90 17.77
C ASN B 105 -0.48 -24.32 18.04
N LEU B 106 -1.37 -25.18 18.49
CA LEU B 106 -1.00 -26.58 18.72
C LEU B 106 -0.96 -27.33 17.38
N PRO B 107 0.15 -28.01 17.04
CA PRO B 107 0.14 -28.76 15.76
C PRO B 107 -0.86 -29.91 15.78
N ALA B 108 -1.43 -30.21 14.61
CA ALA B 108 -2.31 -31.37 14.47
C ALA B 108 -1.43 -32.64 14.70
N ASP B 109 -2.04 -33.74 15.15
CA ASP B 109 -1.28 -34.98 15.42
C ASP B 109 -0.48 -35.52 14.23
N GLU B 110 -1.03 -35.41 13.02
CA GLU B 110 -0.33 -35.93 11.83
C GLU B 110 0.80 -35.07 11.35
N VAL B 111 1.05 -33.89 11.99
CA VAL B 111 2.16 -33.07 11.55
C VAL B 111 3.43 -33.78 12.01
N PRO B 112 4.41 -34.03 11.10
CA PRO B 112 5.61 -34.76 11.54
C PRO B 112 6.43 -33.90 12.48
N VAL B 113 7.07 -34.52 13.46
CA VAL B 113 7.89 -33.78 14.42
C VAL B 113 9.22 -33.45 13.71
N GLY B 114 9.66 -32.23 13.87
CA GLY B 114 10.90 -31.78 13.27
C GLY B 114 11.34 -30.45 13.78
N LYS B 115 12.63 -30.10 13.56
CA LYS B 115 13.15 -28.85 14.10
C LYS B 115 13.24 -27.73 13.09
N ASP B 116 13.40 -28.05 11.79
CA ASP B 116 13.53 -27.04 10.74
C ASP B 116 13.08 -27.56 9.37
N GLU B 117 13.32 -26.77 8.31
CA GLU B 117 12.90 -27.12 6.95
C GLU B 117 13.42 -28.48 6.46
N ASN B 118 14.58 -28.96 6.96
CA ASN B 118 15.13 -30.25 6.54
C ASN B 118 14.29 -31.43 7.00
N ASP B 119 13.37 -31.20 7.96
CA ASP B 119 12.52 -32.24 8.53
C ASP B 119 11.10 -32.24 7.93
N ASN B 120 10.84 -31.37 6.94
CA ASN B 120 9.56 -31.35 6.24
C ASN B 120 9.47 -32.62 5.36
N VAL B 121 8.26 -33.03 5.00
CA VAL B 121 8.07 -34.28 4.27
C VAL B 121 7.34 -34.04 2.97
N GLU B 122 7.91 -34.57 1.86
CA GLU B 122 7.21 -34.48 0.59
C GLU B 122 6.06 -35.48 0.57
N VAL B 123 4.86 -34.99 0.21
CA VAL B 123 3.69 -35.87 0.15
C VAL B 123 3.24 -36.18 -1.27
N SER B 124 3.60 -35.32 -2.25
CA SER B 124 3.28 -35.58 -3.67
C SER B 124 4.11 -34.66 -4.57
N ARG B 125 4.16 -34.98 -5.86
CA ARG B 125 4.87 -34.19 -6.88
C ARG B 125 3.99 -34.22 -8.11
N TRP B 126 4.12 -33.19 -8.95
CA TRP B 126 3.40 -33.14 -10.20
C TRP B 126 4.30 -32.53 -11.26
N GLY B 127 4.29 -33.13 -12.45
CA GLY B 127 5.04 -32.57 -13.58
C GLY B 127 6.51 -32.92 -13.54
N THR B 128 7.17 -32.76 -14.69
CA THR B 128 8.57 -33.08 -14.85
C THR B 128 9.39 -31.84 -15.18
N PRO B 129 10.35 -31.45 -14.29
CA PRO B 129 11.23 -30.31 -14.60
C PRO B 129 11.83 -30.40 -16.01
N ARG B 130 11.66 -29.33 -16.80
CA ARG B 130 12.11 -29.22 -18.19
C ARG B 130 13.59 -29.51 -18.34
N GLU B 131 13.93 -30.36 -19.32
CA GLU B 131 15.31 -30.67 -19.61
C GLU B 131 15.69 -29.73 -20.74
N PHE B 132 16.59 -28.78 -20.45
CA PHE B 132 17.00 -27.77 -21.42
C PHE B 132 18.19 -28.20 -22.26
N ASP B 133 18.19 -27.80 -23.54
CA ASP B 133 19.30 -28.09 -24.45
C ASP B 133 20.22 -26.86 -24.69
N PHE B 134 20.10 -25.84 -23.81
CA PHE B 134 20.92 -24.65 -23.83
C PHE B 134 21.11 -24.20 -22.38
N GLU B 135 22.05 -23.25 -22.16
CA GLU B 135 22.35 -22.74 -20.83
C GLU B 135 21.21 -21.85 -20.39
N VAL B 136 20.63 -22.22 -19.25
N VAL B 136 20.56 -22.23 -19.27
CA VAL B 136 19.48 -21.58 -18.62
CA VAL B 136 19.42 -21.44 -18.81
C VAL B 136 19.84 -20.18 -18.09
C VAL B 136 19.86 -20.14 -18.22
N ARG B 137 18.96 -19.16 -18.33
CA ARG B 137 19.12 -17.81 -17.79
C ARG B 137 18.15 -17.68 -16.63
N ASP B 138 18.52 -16.93 -15.58
CA ASP B 138 17.58 -16.69 -14.51
C ASP B 138 16.61 -15.55 -14.87
N HIS B 139 15.56 -15.36 -14.05
CA HIS B 139 14.58 -14.35 -14.39
C HIS B 139 15.14 -12.93 -14.41
N VAL B 140 16.18 -12.66 -13.61
CA VAL B 140 16.78 -11.31 -13.57
C VAL B 140 17.46 -11.07 -14.93
N THR B 141 18.28 -12.04 -15.39
CA THR B 141 18.93 -11.88 -16.68
C THR B 141 17.89 -11.73 -17.81
N LEU B 142 16.85 -12.59 -17.79
CA LEU B 142 15.79 -12.51 -18.79
C LEU B 142 15.10 -11.17 -18.77
N GLY B 143 14.84 -10.65 -17.57
CA GLY B 143 14.18 -9.36 -17.41
C GLY B 143 15.03 -8.19 -17.85
N GLU B 144 16.36 -8.31 -17.81
CA GLU B 144 17.23 -7.22 -18.25
C GLU B 144 17.20 -7.19 -19.75
N MET B 145 17.21 -8.39 -20.38
CA MET B 145 17.26 -8.58 -21.85
C MET B 145 16.08 -7.95 -22.52
N HIS B 146 14.91 -8.07 -21.89
CA HIS B 146 13.65 -7.54 -22.40
C HIS B 146 13.31 -6.18 -21.83
N SER B 147 14.19 -5.59 -20.97
CA SER B 147 14.03 -4.27 -20.32
C SER B 147 12.70 -4.28 -19.51
N GLY B 148 12.40 -5.44 -18.95
CA GLY B 148 11.15 -5.71 -18.26
C GLY B 148 11.22 -5.78 -16.75
N LEU B 149 12.41 -6.08 -16.18
CA LEU B 149 12.61 -6.08 -14.71
C LEU B 149 13.75 -5.11 -14.47
N ASP B 150 13.47 -4.01 -13.74
CA ASP B 150 14.44 -2.96 -13.48
C ASP B 150 14.55 -2.72 -11.99
N PHE B 151 15.56 -3.34 -11.39
CA PHE B 151 15.79 -3.25 -9.95
C PHE B 151 16.51 -1.96 -9.62
N ALA B 152 17.43 -1.52 -10.50
CA ALA B 152 18.18 -0.28 -10.29
C ALA B 152 17.23 0.91 -10.20
N ALA B 153 16.21 0.90 -11.07
CA ALA B 153 15.19 1.99 -11.07
C ALA B 153 14.46 2.02 -9.74
N ALA B 154 14.11 0.86 -9.19
CA ALA B 154 13.40 0.77 -7.92
C ALA B 154 14.30 1.24 -6.76
N VAL B 155 15.62 0.99 -6.84
CA VAL B 155 16.52 1.48 -5.78
C VAL B 155 16.49 3.03 -5.80
N LYS B 156 16.50 3.60 -7.01
CA LYS B 156 16.48 5.08 -7.17
C LYS B 156 15.16 5.62 -6.59
N LEU B 157 14.05 5.00 -6.96
CA LEU B 157 12.72 5.46 -6.47
C LEU B 157 12.57 5.25 -4.97
N THR B 158 13.00 4.09 -4.49
CA THR B 158 12.71 3.69 -3.09
C THR B 158 13.97 3.19 -2.37
N GLY B 159 14.35 1.95 -2.66
CA GLY B 159 15.51 1.34 -1.98
C GLY B 159 15.63 -0.13 -2.35
N SER B 160 16.41 -0.88 -1.59
CA SER B 160 16.60 -2.32 -1.87
C SER B 160 15.30 -3.12 -1.64
N ARG B 161 15.21 -4.25 -2.33
CA ARG B 161 14.11 -5.20 -2.26
C ARG B 161 12.80 -4.64 -2.82
N PHE B 162 12.92 -3.73 -3.81
CA PHE B 162 11.82 -3.27 -4.62
C PHE B 162 12.14 -3.50 -6.09
N VAL B 163 11.09 -3.48 -6.95
CA VAL B 163 11.31 -3.65 -8.39
C VAL B 163 10.38 -2.73 -9.18
N VAL B 164 10.83 -2.33 -10.38
CA VAL B 164 10.00 -1.70 -11.37
C VAL B 164 9.87 -2.72 -12.53
N MET B 165 8.66 -3.11 -12.89
CA MET B 165 8.47 -3.99 -14.05
C MET B 165 7.94 -3.15 -15.19
N LYS B 166 8.30 -3.51 -16.42
CA LYS B 166 7.90 -2.72 -17.58
C LYS B 166 7.44 -3.57 -18.73
N GLY B 167 6.55 -3.02 -19.55
CA GLY B 167 6.14 -3.60 -20.83
C GLY B 167 5.57 -4.99 -20.76
N GLN B 168 6.01 -5.89 -21.66
CA GLN B 168 5.45 -7.25 -21.71
C GLN B 168 5.56 -8.05 -20.41
N ILE B 169 6.69 -7.90 -19.71
CA ILE B 169 6.85 -8.58 -18.41
C ILE B 169 5.83 -8.03 -17.38
N ALA B 170 5.64 -6.68 -17.34
CA ALA B 170 4.63 -6.12 -16.42
C ALA B 170 3.24 -6.65 -16.81
N ARG B 171 2.98 -6.72 -18.12
CA ARG B 171 1.67 -7.25 -18.60
C ARG B 171 1.51 -8.70 -18.15
N MET B 172 2.58 -9.50 -18.24
CA MET B 172 2.47 -10.93 -17.84
C MET B 172 2.20 -11.03 -16.33
N HIS B 173 2.85 -10.17 -15.54
CA HIS B 173 2.62 -10.17 -14.07
C HIS B 173 1.15 -9.85 -13.82
N ARG B 174 0.60 -8.87 -14.53
CA ARG B 174 -0.80 -8.52 -14.39
C ARG B 174 -1.69 -9.71 -14.82
N ALA B 175 -1.36 -10.33 -15.98
CA ALA B 175 -2.16 -11.44 -16.49
C ALA B 175 -2.20 -12.59 -15.46
N LEU B 176 -1.06 -12.85 -14.80
CA LEU B 176 -1.05 -13.92 -13.79
C LEU B 176 -2.07 -13.62 -12.69
N SER B 177 -2.10 -12.37 -12.16
CA SER B 177 -3.05 -12.07 -11.09
C SER B 177 -4.50 -12.21 -11.57
N GLN B 178 -4.76 -11.83 -12.84
CA GLN B 178 -6.13 -11.88 -13.37
C GLN B 178 -6.57 -13.31 -13.59
N PHE B 179 -5.66 -14.14 -14.12
CA PHE B 179 -5.98 -15.55 -14.32
C PHE B 179 -6.28 -16.21 -12.96
N MET B 180 -5.45 -15.93 -11.95
CA MET B 180 -5.67 -16.47 -10.62
C MET B 180 -7.01 -16.06 -10.05
N LEU B 181 -7.33 -14.77 -10.05
CA LEU B 181 -8.62 -14.34 -9.49
C LEU B 181 -9.78 -14.95 -10.25
N ASP B 182 -9.68 -14.96 -11.58
CA ASP B 182 -10.78 -15.57 -12.36
C ASP B 182 -10.95 -17.04 -12.05
N LEU B 183 -9.87 -17.79 -11.95
CA LEU B 183 -10.00 -19.22 -11.67
C LEU B 183 -10.66 -19.43 -10.31
N HIS B 184 -10.20 -18.68 -9.28
CA HIS B 184 -10.77 -18.91 -7.95
C HIS B 184 -12.24 -18.47 -7.85
N THR B 185 -12.59 -17.38 -8.55
CA THR B 185 -13.97 -16.85 -8.43
C THR B 185 -14.94 -17.45 -9.41
N GLU B 186 -14.46 -18.14 -10.46
CA GLU B 186 -15.37 -18.74 -11.46
C GLU B 186 -15.37 -20.26 -11.36
N GLN B 187 -14.29 -20.88 -10.86
CA GLN B 187 -14.23 -22.35 -10.82
C GLN B 187 -14.11 -22.91 -9.42
N HIS B 188 -13.68 -22.10 -8.44
CA HIS B 188 -13.38 -22.64 -7.10
C HIS B 188 -14.29 -22.16 -6.00
N GLY B 189 -15.24 -21.28 -6.32
CA GLY B 189 -16.25 -20.87 -5.36
C GLY B 189 -15.89 -19.78 -4.40
N TYR B 190 -14.81 -19.01 -4.66
CA TYR B 190 -14.45 -17.89 -3.79
C TYR B 190 -15.14 -16.63 -4.25
N SER B 191 -15.48 -15.75 -3.30
CA SER B 191 -16.03 -14.45 -3.62
C SER B 191 -14.86 -13.46 -3.59
N GLU B 192 -14.78 -12.58 -4.60
CA GLU B 192 -13.72 -11.61 -4.70
C GLU B 192 -13.91 -10.45 -3.72
N ASN B 193 -12.81 -9.92 -3.21
CA ASN B 193 -12.89 -8.77 -2.32
C ASN B 193 -11.78 -7.80 -2.67
N TYR B 194 -12.06 -6.51 -2.53
CA TYR B 194 -11.12 -5.40 -2.56
C TYR B 194 -11.00 -4.99 -1.08
N VAL B 195 -9.78 -4.96 -0.55
CA VAL B 195 -9.60 -4.69 0.87
C VAL B 195 -8.68 -3.51 1.14
N PRO B 196 -8.72 -2.98 2.37
CA PRO B 196 -7.73 -1.98 2.76
C PRO B 196 -6.33 -2.64 2.81
N TYR B 197 -5.30 -1.85 2.44
CA TYR B 197 -3.93 -2.32 2.48
C TYR B 197 -3.21 -1.84 3.74
N LEU B 198 -3.92 -1.01 4.52
CA LEU B 198 -3.50 -0.55 5.84
C LEU B 198 -4.53 -1.15 6.80
N VAL B 199 -4.08 -1.60 7.99
CA VAL B 199 -5.01 -2.17 8.98
C VAL B 199 -4.66 -1.67 10.35
N ASN B 200 -5.62 -1.77 11.29
CA ASN B 200 -5.42 -1.30 12.65
C ASN B 200 -4.85 -2.42 13.58
N GLN B 201 -4.58 -2.02 14.84
CA GLN B 201 -3.99 -2.98 15.80
C GLN B 201 -4.93 -4.11 16.14
N ASP B 202 -6.27 -3.85 16.24
CA ASP B 202 -7.23 -4.93 16.56
C ASP B 202 -7.10 -6.02 15.50
N THR B 203 -6.99 -5.64 14.21
CA THR B 203 -6.86 -6.58 13.10
C THR B 203 -5.56 -7.38 13.23
N LEU B 204 -4.47 -6.72 13.56
CA LEU B 204 -3.19 -7.42 13.71
C LEU B 204 -3.20 -8.41 14.87
N TYR B 205 -3.88 -8.07 15.98
CA TYR B 205 -4.04 -9.07 17.04
C TYR B 205 -4.94 -10.21 16.59
N GLY B 206 -5.96 -9.89 15.79
CA GLY B 206 -6.92 -10.89 15.32
C GLY B 206 -6.25 -12.04 14.59
N THR B 207 -5.31 -11.71 13.67
CA THR B 207 -4.68 -12.77 12.89
C THR B 207 -3.32 -13.21 13.42
N GLY B 208 -2.86 -12.61 14.52
CA GLY B 208 -1.63 -13.06 15.17
C GLY B 208 -0.34 -12.38 14.80
N GLN B 209 -0.39 -11.30 14.00
CA GLN B 209 0.82 -10.51 13.72
C GLN B 209 1.25 -9.88 15.03
N LEU B 210 0.29 -9.48 15.88
CA LEU B 210 0.57 -8.93 17.22
C LEU B 210 0.18 -9.98 18.26
N PRO B 211 0.92 -10.07 19.38
CA PRO B 211 1.96 -9.14 19.84
C PRO B 211 3.37 -9.41 19.37
N LYS B 212 3.69 -10.60 18.83
CA LYS B 212 5.09 -10.99 18.62
C LYS B 212 5.78 -10.54 17.36
N PHE B 213 5.03 -10.13 16.32
CA PHE B 213 5.68 -9.90 15.05
C PHE B 213 5.55 -8.49 14.50
N ALA B 214 5.56 -7.47 15.39
CA ALA B 214 5.48 -6.07 14.90
C ALA B 214 6.66 -5.76 13.98
N GLY B 215 7.83 -6.32 14.31
CA GLY B 215 9.05 -6.06 13.55
C GLY B 215 9.05 -6.60 12.14
N ASP B 216 8.07 -7.44 11.80
CA ASP B 216 7.95 -8.02 10.47
C ASP B 216 7.17 -7.10 9.52
N LEU B 217 6.65 -5.99 10.06
CA LEU B 217 5.77 -5.10 9.33
C LEU B 217 6.32 -3.72 9.11
N PHE B 218 5.72 -3.06 8.11
CA PHE B 218 5.88 -1.61 7.94
C PHE B 218 4.72 -0.96 8.71
N HIS B 219 5.05 0.10 9.46
CA HIS B 219 4.04 0.80 10.26
C HIS B 219 3.91 2.21 9.76
N THR B 220 2.69 2.74 9.68
CA THR B 220 2.55 4.14 9.28
C THR B 220 2.43 5.03 10.50
N ARG B 221 2.98 6.25 10.41
CA ARG B 221 2.84 7.19 11.52
C ARG B 221 1.38 7.67 11.58
N PRO B 222 0.82 7.92 12.78
CA PRO B 222 -0.55 8.43 12.82
C PRO B 222 -0.72 9.75 12.03
N LEU B 223 -1.92 9.94 11.50
CA LEU B 223 -2.27 11.19 10.81
C LEU B 223 -2.62 12.22 11.86
N GLU B 224 -2.22 13.48 11.62
CA GLU B 224 -2.49 14.56 12.56
C GLU B 224 -3.99 14.69 12.93
N GLU B 225 -4.90 14.52 11.94
CA GLU B 225 -6.34 14.66 12.19
C GLU B 225 -7.02 13.38 12.69
N GLU B 226 -6.25 12.27 12.81
CA GLU B 226 -6.75 11.01 13.38
C GLU B 226 -5.68 10.52 14.36
N ALA B 227 -5.18 11.46 15.21
CA ALA B 227 -4.03 11.23 16.09
C ALA B 227 -4.07 9.96 16.92
N ASP B 228 -5.25 9.57 17.42
CA ASP B 228 -5.35 8.41 18.32
C ASP B 228 -5.98 7.18 17.68
N THR B 229 -6.27 7.22 16.37
CA THR B 229 -6.98 6.11 15.73
C THR B 229 -6.31 5.67 14.43
N SER B 230 -5.11 6.16 14.13
CA SER B 230 -4.47 5.81 12.86
C SER B 230 -3.07 5.21 13.01
N ASN B 231 -2.86 4.41 14.07
CA ASN B 231 -1.61 3.67 14.18
C ASN B 231 -1.87 2.40 13.35
N TYR B 232 -1.46 2.45 12.08
CA TYR B 232 -1.74 1.38 11.13
C TYR B 232 -0.49 0.66 10.70
N ALA B 233 -0.67 -0.51 10.10
CA ALA B 233 0.44 -1.22 9.48
C ALA B 233 0.02 -1.62 8.09
N LEU B 234 0.99 -1.69 7.20
CA LEU B 234 0.72 -2.21 5.87
C LEU B 234 0.50 -3.70 5.95
N ILE B 235 -0.44 -4.23 5.14
CA ILE B 235 -0.72 -5.64 5.26
C ILE B 235 0.43 -6.49 4.72
N PRO B 236 0.79 -7.59 5.45
CA PRO B 236 1.84 -8.49 4.95
C PRO B 236 1.29 -9.58 4.03
N THR B 237 -0.05 -9.67 3.95
CA THR B 237 -0.79 -10.67 3.16
C THR B 237 -2.25 -10.31 3.29
N ALA B 238 -3.06 -10.63 2.25
CA ALA B 238 -4.51 -10.38 2.35
C ALA B 238 -5.16 -11.30 3.40
N GLU B 239 -4.48 -12.35 3.89
CA GLU B 239 -5.02 -13.16 4.99
C GLU B 239 -5.45 -12.22 6.14
N VAL B 240 -4.65 -11.17 6.43
CA VAL B 240 -4.94 -10.31 7.59
C VAL B 240 -6.29 -9.56 7.46
N PRO B 241 -6.54 -8.76 6.39
CA PRO B 241 -7.86 -8.11 6.31
C PRO B 241 -8.99 -9.11 6.04
N LEU B 242 -8.76 -10.10 5.15
CA LEU B 242 -9.87 -11.04 4.83
C LEU B 242 -10.35 -11.81 6.06
N THR B 243 -9.39 -12.39 6.81
CA THR B 243 -9.81 -13.22 7.94
C THR B 243 -10.56 -12.39 8.96
N ASN B 244 -10.12 -11.12 9.12
CA ASN B 244 -10.75 -10.22 10.09
C ASN B 244 -12.12 -9.73 9.67
N LEU B 245 -12.58 -10.05 8.42
CA LEU B 245 -13.93 -9.62 8.06
C LEU B 245 -15.00 -10.27 8.97
N VAL B 246 -14.69 -11.42 9.60
CA VAL B 246 -15.63 -12.09 10.49
C VAL B 246 -15.40 -11.78 11.95
N ARG B 247 -14.47 -10.84 12.22
CA ARG B 247 -14.18 -10.51 13.61
C ARG B 247 -15.41 -9.96 14.31
N GLY B 248 -15.68 -10.48 15.51
CA GLY B 248 -16.81 -10.03 16.32
C GLY B 248 -18.17 -10.49 15.84
N GLU B 249 -18.22 -11.42 14.89
CA GLU B 249 -19.50 -11.88 14.35
C GLU B 249 -19.91 -13.24 14.82
N ILE B 250 -21.23 -13.50 14.81
CA ILE B 250 -21.81 -14.82 15.03
C ILE B 250 -22.49 -15.13 13.70
N ILE B 251 -22.04 -16.19 13.05
CA ILE B 251 -22.53 -16.60 11.74
C ILE B 251 -23.36 -17.87 11.87
N ASP B 252 -24.49 -17.94 11.16
CA ASP B 252 -25.26 -19.18 11.19
C ASP B 252 -24.42 -20.24 10.47
N GLU B 253 -24.29 -21.46 11.06
CA GLU B 253 -23.50 -22.53 10.43
C GLU B 253 -23.92 -22.84 9.01
N ASP B 254 -25.23 -22.67 8.69
CA ASP B 254 -25.71 -22.94 7.34
C ASP B 254 -25.22 -21.89 6.34
N ASP B 255 -24.62 -20.78 6.82
CA ASP B 255 -24.04 -19.74 5.95
C ASP B 255 -22.53 -19.91 5.79
N LEU B 256 -21.98 -21.04 6.31
CA LEU B 256 -20.58 -21.43 6.16
C LEU B 256 -20.51 -22.60 5.16
N PRO B 257 -19.40 -22.77 4.43
CA PRO B 257 -18.16 -21.96 4.52
C PRO B 257 -18.29 -20.62 3.84
N ILE B 258 -17.51 -19.65 4.33
CA ILE B 258 -17.33 -18.35 3.68
C ILE B 258 -15.96 -18.48 3.00
N LYS B 259 -15.94 -18.28 1.68
CA LYS B 259 -14.71 -18.44 0.88
C LYS B 259 -14.39 -17.15 0.20
N MET B 260 -13.22 -16.55 0.53
CA MET B 260 -12.88 -15.23 0.00
C MET B 260 -11.57 -15.24 -0.70
N THR B 261 -11.42 -14.38 -1.72
CA THR B 261 -10.12 -14.21 -2.37
C THR B 261 -9.88 -12.73 -2.61
N ALA B 262 -8.62 -12.34 -2.69
CA ALA B 262 -8.26 -10.94 -3.00
C ALA B 262 -6.87 -10.95 -3.59
N HIS B 263 -6.62 -9.99 -4.46
CA HIS B 263 -5.29 -9.75 -5.01
C HIS B 263 -4.82 -8.46 -4.39
N THR B 264 -3.70 -8.52 -3.65
CA THR B 264 -3.23 -7.29 -3.04
C THR B 264 -1.71 -7.28 -3.12
N PRO B 265 -1.12 -6.09 -2.98
CA PRO B 265 0.31 -6.01 -2.68
C PRO B 265 0.43 -6.45 -1.22
N CYS B 266 1.63 -6.95 -0.88
CA CYS B 266 1.96 -7.49 0.44
C CYS B 266 3.26 -6.84 0.81
N PHE B 267 3.33 -6.30 2.03
CA PHE B 267 4.49 -5.56 2.49
C PHE B 267 5.12 -6.21 3.69
N ARG B 268 6.43 -6.46 3.62
CA ARG B 268 7.11 -7.17 4.71
C ARG B 268 8.45 -6.53 4.96
N SER B 269 8.81 -6.35 6.23
CA SER B 269 10.12 -5.77 6.52
C SER B 269 11.27 -6.72 6.16
N GLU B 270 11.00 -8.05 6.14
CA GLU B 270 12.02 -9.06 5.88
C GLU B 270 13.22 -8.89 6.81
N ALA B 271 12.94 -8.62 8.08
CA ALA B 271 13.96 -8.53 9.12
C ALA B 271 14.59 -9.91 9.27
N GLY B 272 15.87 -9.95 9.67
CA GLY B 272 16.59 -11.21 9.84
C GLY B 272 17.02 -11.86 8.53
N SER B 273 16.85 -11.16 7.40
CA SER B 273 17.16 -11.64 6.05
C SER B 273 18.41 -10.99 5.43
N TYR B 274 19.34 -10.43 6.25
CA TYR B 274 20.56 -9.86 5.66
C TYR B 274 21.26 -10.95 4.86
N GLY B 275 21.45 -10.68 3.57
CA GLY B 275 22.12 -11.60 2.65
C GLY B 275 21.30 -12.82 2.24
N ARG B 276 20.01 -12.87 2.59
CA ARG B 276 19.13 -13.98 2.24
C ARG B 276 18.32 -13.58 0.99
N ASP B 277 18.34 -14.42 -0.07
CA ASP B 277 17.55 -14.19 -1.28
C ASP B 277 17.73 -12.77 -1.85
N THR B 278 18.96 -12.36 -2.12
CA THR B 278 19.22 -11.01 -2.63
C THR B 278 19.07 -10.88 -4.14
N ARG B 279 18.80 -12.00 -4.82
CA ARG B 279 18.68 -12.01 -6.26
C ARG B 279 17.24 -11.93 -6.70
N GLY B 280 16.93 -10.90 -7.45
CA GLY B 280 15.64 -10.83 -8.11
C GLY B 280 14.40 -10.69 -7.27
N LEU B 281 13.33 -11.34 -7.72
CA LEU B 281 12.01 -11.20 -7.12
C LEU B 281 11.68 -12.14 -5.95
N ILE B 282 12.64 -12.98 -5.57
CA ILE B 282 12.33 -13.96 -4.55
C ILE B 282 11.90 -13.44 -3.21
N ARG B 283 12.61 -12.42 -2.71
CA ARG B 283 12.29 -11.87 -1.37
C ARG B 283 12.24 -10.35 -1.46
N MET B 284 11.04 -9.78 -1.59
CA MET B 284 10.85 -8.33 -1.78
C MET B 284 10.11 -7.70 -0.60
N HIS B 285 10.28 -6.39 -0.44
CA HIS B 285 9.49 -5.68 0.59
C HIS B 285 8.04 -5.56 0.12
N GLN B 286 7.82 -5.59 -1.19
CA GLN B 286 6.50 -5.47 -1.80
C GLN B 286 6.35 -6.55 -2.85
N PHE B 287 5.32 -7.37 -2.69
CA PHE B 287 5.05 -8.38 -3.73
C PHE B 287 3.55 -8.57 -3.81
N ASP B 288 3.06 -8.93 -4.99
CA ASP B 288 1.64 -9.16 -5.13
C ASP B 288 1.33 -10.62 -4.83
N LYS B 289 0.12 -10.88 -4.31
CA LYS B 289 -0.29 -12.26 -4.02
C LYS B 289 -1.80 -12.34 -4.11
N VAL B 290 -2.27 -13.45 -4.73
CA VAL B 290 -3.69 -13.75 -4.76
C VAL B 290 -3.92 -14.74 -3.65
N GLU B 291 -4.67 -14.31 -2.63
CA GLU B 291 -4.88 -15.08 -1.42
C GLU B 291 -6.24 -15.74 -1.41
N MET B 292 -6.34 -16.94 -0.79
CA MET B 292 -7.59 -17.62 -0.53
C MET B 292 -7.76 -17.70 0.97
N VAL B 293 -8.98 -17.42 1.48
CA VAL B 293 -9.26 -17.59 2.91
C VAL B 293 -10.59 -18.34 3.01
N GLN B 294 -10.67 -19.27 3.97
CA GLN B 294 -11.96 -19.94 4.21
C GLN B 294 -12.28 -19.82 5.69
N ILE B 295 -13.57 -19.59 5.97
CA ILE B 295 -14.12 -19.56 7.33
C ILE B 295 -15.07 -20.75 7.32
N VAL B 296 -14.82 -21.75 8.20
CA VAL B 296 -15.60 -22.98 8.14
C VAL B 296 -16.06 -23.44 9.51
N ARG B 297 -17.03 -24.38 9.53
CA ARG B 297 -17.43 -25.02 10.79
C ARG B 297 -16.24 -25.86 11.27
N PRO B 298 -16.05 -26.02 12.59
CA PRO B 298 -14.90 -26.78 13.10
C PRO B 298 -14.72 -28.21 12.55
N GLU B 299 -15.83 -28.88 12.23
CA GLU B 299 -15.75 -30.24 11.72
C GLU B 299 -15.18 -30.33 10.33
N ASP B 300 -15.17 -29.21 9.60
CA ASP B 300 -14.84 -29.22 8.18
C ASP B 300 -13.48 -28.64 7.80
N SER B 301 -12.66 -28.25 8.78
CA SER B 301 -11.42 -27.56 8.41
C SER B 301 -10.34 -28.47 7.79
N MET B 302 -10.21 -29.73 8.24
CA MET B 302 -9.19 -30.56 7.61
C MET B 302 -9.55 -30.87 6.18
N ALA B 303 -10.88 -31.04 5.93
CA ALA B 303 -11.35 -31.25 4.55
C ALA B 303 -11.13 -29.98 3.72
N ALA B 304 -11.42 -28.80 4.30
CA ALA B 304 -11.26 -27.54 3.58
C ALA B 304 -9.76 -27.29 3.25
N LEU B 305 -8.85 -27.74 4.11
CA LEU B 305 -7.42 -27.59 3.82
C LEU B 305 -7.05 -28.31 2.53
N GLU B 306 -7.55 -29.55 2.37
CA GLU B 306 -7.25 -30.29 1.15
C GLU B 306 -7.84 -29.62 -0.07
N GLU B 307 -9.09 -29.16 0.05
CA GLU B 307 -9.75 -28.48 -1.07
C GLU B 307 -8.96 -27.22 -1.48
N MET B 308 -8.60 -26.38 -0.49
CA MET B 308 -7.92 -25.13 -0.77
C MET B 308 -6.52 -25.38 -1.34
N THR B 309 -5.82 -26.41 -0.82
CA THR B 309 -4.51 -26.71 -1.36
C THR B 309 -4.65 -27.14 -2.83
N GLY B 310 -5.71 -27.91 -3.13
CA GLY B 310 -5.98 -28.31 -4.51
C GLY B 310 -6.26 -27.10 -5.40
N HIS B 311 -6.95 -26.07 -4.85
CA HIS B 311 -7.21 -24.87 -5.64
C HIS B 311 -5.90 -24.17 -6.02
N ALA B 312 -4.89 -24.17 -5.12
CA ALA B 312 -3.58 -23.58 -5.42
C ALA B 312 -2.84 -24.47 -6.43
N GLU B 313 -2.91 -25.79 -6.25
CA GLU B 313 -2.24 -26.71 -7.18
C GLU B 313 -2.78 -26.55 -8.60
N LYS B 314 -4.10 -26.28 -8.72
N LYS B 314 -4.10 -26.29 -8.72
CA LYS B 314 -4.69 -26.12 -10.05
CA LYS B 314 -4.75 -26.10 -10.02
C LYS B 314 -4.09 -24.94 -10.81
C LYS B 314 -4.15 -24.93 -10.80
N VAL B 315 -3.71 -23.86 -10.11
CA VAL B 315 -3.07 -22.73 -10.76
C VAL B 315 -1.77 -23.22 -11.40
N LEU B 316 -0.98 -23.98 -10.62
CA LEU B 316 0.33 -24.46 -11.12
C LEU B 316 0.14 -25.43 -12.29
N GLN B 317 -0.84 -26.35 -12.14
CA GLN B 317 -1.08 -27.32 -13.22
C GLN B 317 -1.51 -26.64 -14.51
N LEU B 318 -2.44 -25.67 -14.41
CA LEU B 318 -2.90 -24.99 -15.63
C LEU B 318 -1.79 -24.16 -16.30
N LEU B 319 -0.84 -23.66 -15.49
CA LEU B 319 0.32 -22.95 -16.00
C LEU B 319 1.43 -23.89 -16.45
N GLY B 320 1.27 -25.20 -16.27
CA GLY B 320 2.27 -26.18 -16.73
C GLY B 320 3.56 -26.10 -15.94
N LEU B 321 3.46 -25.76 -14.65
CA LEU B 321 4.64 -25.60 -13.81
C LEU B 321 4.84 -26.78 -12.87
N PRO B 322 5.92 -27.55 -13.03
CA PRO B 322 6.15 -28.69 -12.13
C PRO B 322 6.36 -28.22 -10.69
N TYR B 323 5.88 -29.03 -9.73
CA TYR B 323 5.96 -28.66 -8.33
C TYR B 323 5.96 -29.88 -7.45
N ARG B 324 6.25 -29.65 -6.18
CA ARG B 324 6.14 -30.66 -5.14
C ARG B 324 5.31 -30.10 -4.00
N LYS B 325 4.58 -30.99 -3.32
CA LYS B 325 3.75 -30.62 -2.19
C LYS B 325 4.40 -31.21 -0.96
N ILE B 326 4.67 -30.35 0.01
CA ILE B 326 5.36 -30.71 1.25
C ILE B 326 4.45 -30.49 2.44
N ILE B 327 4.45 -31.38 3.42
CA ILE B 327 3.80 -31.09 4.70
C ILE B 327 4.91 -30.55 5.62
N LEU B 328 4.68 -29.38 6.24
CA LEU B 328 5.69 -28.80 7.12
C LEU B 328 5.72 -29.55 8.44
N CYS B 329 6.93 -29.67 9.01
CA CYS B 329 7.09 -30.30 10.31
C CYS B 329 6.73 -29.30 11.44
N THR B 330 6.64 -29.82 12.68
CA THR B 330 6.24 -28.97 13.82
C THR B 330 7.11 -27.74 14.01
N GLY B 331 8.40 -27.88 13.73
CA GLY B 331 9.38 -26.82 13.94
C GLY B 331 9.49 -25.80 12.84
N ASP B 332 8.84 -26.03 11.69
CA ASP B 332 8.96 -25.11 10.52
C ASP B 332 7.64 -24.40 10.21
N MET B 333 6.65 -24.50 11.11
CA MET B 333 5.34 -23.88 10.79
C MET B 333 5.20 -22.45 11.31
N GLY B 334 4.27 -21.72 10.69
CA GLY B 334 3.93 -20.35 11.10
C GLY B 334 3.20 -20.36 12.44
N PHE B 335 3.31 -19.25 13.16
CA PHE B 335 2.75 -19.09 14.52
C PHE B 335 1.32 -19.64 14.69
N GLY B 336 0.44 -19.25 13.79
CA GLY B 336 -0.96 -19.62 13.90
C GLY B 336 -1.37 -20.93 13.29
N ALA B 337 -0.48 -21.59 12.52
CA ALA B 337 -0.89 -22.80 11.84
C ALA B 337 -0.95 -24.02 12.73
N CYS B 338 -1.95 -24.90 12.49
CA CYS B 338 -1.92 -26.21 13.14
C CYS B 338 -1.46 -27.29 12.12
N LYS B 339 -1.57 -27.01 10.80
CA LYS B 339 -1.16 -27.94 9.73
C LYS B 339 -0.97 -27.11 8.48
N THR B 340 0.16 -27.28 7.82
CA THR B 340 0.44 -26.52 6.60
C THR B 340 1.02 -27.38 5.52
N TYR B 341 0.55 -27.15 4.28
CA TYR B 341 1.19 -27.70 3.10
C TYR B 341 1.86 -26.57 2.38
N ASP B 342 3.10 -26.78 1.95
N ASP B 342 3.11 -26.80 1.96
CA ASP B 342 3.70 -25.82 1.08
CA ASP B 342 3.97 -25.88 1.21
C ASP B 342 3.77 -26.42 -0.29
C ASP B 342 4.07 -26.38 -0.26
N LEU B 343 3.61 -25.56 -1.26
CA LEU B 343 3.76 -25.96 -2.66
C LEU B 343 5.07 -25.31 -3.09
N GLU B 344 5.97 -26.13 -3.64
CA GLU B 344 7.25 -25.62 -4.09
C GLU B 344 7.35 -25.85 -5.58
N VAL B 345 7.57 -24.77 -6.33
CA VAL B 345 7.62 -24.81 -7.80
C VAL B 345 9.05 -24.94 -8.31
N TRP B 346 9.21 -25.64 -9.43
CA TRP B 346 10.51 -25.80 -10.05
C TRP B 346 11.02 -24.46 -10.58
N ILE B 347 12.30 -24.10 -10.24
CA ILE B 347 12.93 -22.85 -10.70
C ILE B 347 14.23 -23.27 -11.43
N PRO B 348 14.15 -23.38 -12.77
CA PRO B 348 15.30 -23.89 -13.53
C PRO B 348 16.64 -23.30 -13.22
N ALA B 349 16.77 -21.96 -13.11
CA ALA B 349 18.11 -21.42 -12.92
C ALA B 349 18.71 -21.72 -11.56
N GLN B 350 17.86 -21.95 -10.56
CA GLN B 350 18.33 -22.32 -9.23
C GLN B 350 18.53 -23.82 -9.09
N ASN B 351 18.00 -24.62 -10.04
N ASN B 351 17.97 -24.62 -10.03
CA ASN B 351 18.08 -26.08 -10.00
CA ASN B 351 18.02 -26.08 -10.05
C ASN B 351 17.50 -26.60 -8.66
C ASN B 351 17.43 -26.68 -8.76
N THR B 352 16.34 -26.06 -8.27
CA THR B 352 15.66 -26.49 -7.05
C THR B 352 14.21 -26.03 -7.16
N TYR B 353 13.40 -26.46 -6.19
CA TYR B 353 12.02 -26.00 -6.09
C TYR B 353 12.00 -24.90 -5.03
N ARG B 354 11.18 -23.87 -5.24
CA ARG B 354 11.06 -22.79 -4.24
C ARG B 354 9.60 -22.59 -3.89
N GLU B 355 9.35 -22.22 -2.64
CA GLU B 355 7.98 -22.07 -2.14
C GLU B 355 7.17 -21.04 -2.93
N ILE B 356 5.99 -21.45 -3.42
CA ILE B 356 5.12 -20.57 -4.18
C ILE B 356 3.77 -20.39 -3.47
N SER B 357 3.45 -21.27 -2.50
CA SER B 357 2.25 -21.14 -1.71
C SER B 357 2.43 -21.84 -0.38
N SER B 358 1.83 -21.28 0.65
N SER B 358 1.79 -21.31 0.66
CA SER B 358 1.66 -21.95 1.92
CA SER B 358 1.69 -21.93 1.97
C SER B 358 0.13 -22.05 2.08
C SER B 358 0.20 -22.01 2.33
N CYS B 359 -0.37 -23.24 2.46
CA CYS B 359 -1.81 -23.45 2.70
C CYS B 359 -1.94 -23.99 4.10
N SER B 360 -2.67 -23.27 4.95
CA SER B 360 -2.77 -23.69 6.35
C SER B 360 -4.16 -23.81 6.88
N ASN B 361 -4.28 -24.73 7.85
CA ASN B 361 -5.49 -24.84 8.69
C ASN B 361 -5.07 -24.14 9.99
N VAL B 362 -5.77 -23.08 10.37
CA VAL B 362 -5.41 -22.31 11.60
C VAL B 362 -6.24 -22.78 12.79
N TRP B 363 -7.12 -23.76 12.55
CA TRP B 363 -8.03 -24.28 13.61
C TRP B 363 -8.87 -23.12 14.14
N ASP B 364 -9.03 -23.02 15.47
CA ASP B 364 -9.85 -21.94 16.09
C ASP B 364 -8.95 -20.82 16.66
N PHE B 365 -7.66 -20.84 16.32
CA PHE B 365 -6.66 -19.92 16.93
C PHE B 365 -6.92 -18.44 16.60
N GLN B 366 -7.16 -18.11 15.34
CA GLN B 366 -7.51 -16.72 15.02
C GLN B 366 -8.95 -16.44 15.42
N ALA B 367 -9.84 -17.41 15.21
CA ALA B 367 -11.26 -17.20 15.57
C ALA B 367 -11.35 -16.82 17.06
N ARG B 368 -10.51 -17.41 17.92
CA ARG B 368 -10.55 -17.09 19.34
C ARG B 368 -10.14 -15.64 19.61
N ARG B 369 -9.06 -15.18 18.94
CA ARG B 369 -8.60 -13.81 19.07
C ARG B 369 -9.67 -12.85 18.57
N MET B 370 -10.35 -13.22 17.48
CA MET B 370 -11.35 -12.35 16.85
C MET B 370 -12.75 -12.52 17.40
N GLN B 371 -13.01 -13.53 18.26
N GLN B 371 -12.97 -13.52 18.26
CA GLN B 371 -14.36 -13.84 18.79
CA GLN B 371 -14.31 -13.89 18.74
C GLN B 371 -15.35 -14.17 17.63
C GLN B 371 -15.27 -14.01 17.52
N ALA B 372 -14.84 -14.84 16.56
CA ALA B 372 -15.62 -15.17 15.35
C ALA B 372 -16.27 -16.51 15.63
N ARG B 373 -17.60 -16.48 15.74
CA ARG B 373 -18.35 -17.66 16.16
C ARG B 373 -19.39 -18.11 15.15
N CYS B 374 -19.90 -19.34 15.35
CA CYS B 374 -20.99 -19.83 14.53
C CYS B 374 -22.06 -20.45 15.38
N ARG B 375 -23.29 -20.41 14.88
CA ARG B 375 -24.47 -20.88 15.61
C ARG B 375 -25.12 -22.02 14.86
N SER B 376 -25.43 -23.14 15.55
CA SER B 376 -26.07 -24.32 14.94
C SER B 376 -27.59 -24.24 15.03
N LYS B 377 -28.28 -24.82 14.03
CA LYS B 377 -29.74 -24.84 13.96
C LYS B 377 -30.32 -25.79 15.02
N SER B 378 -29.62 -26.89 15.30
C ASP B 379 -29.43 -24.49 19.92
N LYS B 380 -28.92 -23.69 18.97
CA LYS B 380 -28.75 -22.23 19.12
C LYS B 380 -27.47 -21.84 19.90
N LYS B 381 -26.71 -22.82 20.43
CA LYS B 381 -25.47 -22.55 21.17
C LYS B 381 -24.34 -22.19 20.19
N THR B 382 -23.42 -21.28 20.59
CA THR B 382 -22.33 -20.82 19.70
C THR B 382 -20.98 -21.46 19.96
N ARG B 383 -20.14 -21.50 18.94
CA ARG B 383 -18.80 -22.03 19.09
C ARG B 383 -17.90 -21.33 18.11
N LEU B 384 -16.60 -21.40 18.32
CA LEU B 384 -15.69 -20.73 17.40
C LEU B 384 -15.63 -21.41 16.06
N VAL B 385 -15.52 -20.60 15.01
CA VAL B 385 -15.31 -21.14 13.68
C VAL B 385 -13.83 -21.55 13.55
N HIS B 386 -13.48 -22.19 12.43
CA HIS B 386 -12.08 -22.42 12.06
C HIS B 386 -11.76 -21.53 10.88
N THR B 387 -10.47 -21.15 10.75
CA THR B 387 -10.07 -20.34 9.60
C THR B 387 -8.92 -21.03 8.89
N LEU B 388 -8.83 -20.75 7.58
CA LEU B 388 -7.76 -21.30 6.74
C LEU B 388 -7.33 -20.23 5.75
N ASN B 389 -6.06 -20.28 5.35
CA ASN B 389 -5.57 -19.34 4.35
C ASN B 389 -4.55 -20.04 3.48
N GLY B 390 -4.46 -19.62 2.25
CA GLY B 390 -3.53 -20.25 1.33
C GLY B 390 -3.22 -19.40 0.13
N SER B 391 -1.97 -19.43 -0.33
CA SER B 391 -1.64 -18.59 -1.48
C SER B 391 -2.15 -19.25 -2.75
N GLY B 392 -2.74 -18.47 -3.65
CA GLY B 392 -3.19 -19.06 -4.91
C GLY B 392 -2.94 -18.19 -6.12
N LEU B 393 -1.73 -17.62 -6.36
CA LEU B 393 -0.44 -17.90 -5.68
C LEU B 393 0.24 -16.56 -5.38
N ALA B 394 1.49 -16.61 -4.85
CA ALA B 394 2.34 -15.40 -4.78
C ALA B 394 2.65 -15.04 -6.25
N VAL B 395 2.27 -13.85 -6.69
CA VAL B 395 2.38 -13.52 -8.12
C VAL B 395 3.81 -13.31 -8.57
N GLY B 396 4.63 -12.62 -7.78
CA GLY B 396 6.01 -12.39 -8.18
C GLY B 396 6.76 -13.68 -8.37
N ARG B 397 6.65 -14.59 -7.40
CA ARG B 397 7.34 -15.89 -7.55
C ARG B 397 6.76 -16.71 -8.71
N THR B 398 5.45 -16.56 -8.99
CA THR B 398 4.88 -17.25 -10.14
C THR B 398 5.49 -16.70 -11.42
N LEU B 399 5.66 -15.38 -11.49
CA LEU B 399 6.31 -14.77 -12.66
C LEU B 399 7.73 -15.33 -12.83
N VAL B 400 8.49 -15.48 -11.73
CA VAL B 400 9.85 -16.06 -11.82
C VAL B 400 9.73 -17.45 -12.48
N ALA B 401 8.80 -18.28 -11.95
CA ALA B 401 8.66 -19.64 -12.46
C ALA B 401 8.24 -19.66 -13.92
N VAL B 402 7.32 -18.76 -14.33
CA VAL B 402 6.92 -18.76 -15.74
C VAL B 402 8.10 -18.31 -16.61
N MET B 403 8.77 -17.21 -16.22
CA MET B 403 9.88 -16.73 -17.05
C MET B 403 10.96 -17.76 -17.24
N GLU B 404 11.33 -18.45 -16.14
CA GLU B 404 12.42 -19.40 -16.26
C GLU B 404 12.02 -20.70 -16.90
N ASN B 405 10.79 -21.19 -16.65
CA ASN B 405 10.41 -22.48 -17.23
C ASN B 405 10.01 -22.36 -18.72
N TYR B 406 9.58 -21.18 -19.17
CA TYR B 406 9.13 -20.98 -20.55
C TYR B 406 10.16 -20.26 -21.45
N GLN B 407 11.38 -20.03 -20.94
CA GLN B 407 12.43 -19.36 -21.73
C GLN B 407 12.86 -20.21 -22.92
N GLN B 408 13.26 -19.53 -23.98
CA GLN B 408 13.72 -20.15 -25.23
C GLN B 408 15.23 -19.87 -25.36
N ALA B 409 15.93 -20.63 -26.21
CA ALA B 409 17.38 -20.43 -26.38
C ALA B 409 17.80 -18.97 -26.66
N ASP B 410 17.00 -18.22 -27.44
CA ASP B 410 17.32 -16.83 -27.79
C ASP B 410 16.91 -15.78 -26.73
N GLY B 411 16.38 -16.22 -25.60
CA GLY B 411 15.99 -15.30 -24.56
C GLY B 411 14.52 -14.94 -24.56
N ARG B 412 13.76 -15.29 -25.64
CA ARG B 412 12.31 -15.03 -25.66
CA ARG B 412 12.31 -15.03 -25.68
C ARG B 412 11.66 -15.93 -24.62
N ILE B 413 10.46 -15.58 -24.19
CA ILE B 413 9.75 -16.39 -23.21
C ILE B 413 8.40 -16.72 -23.81
N GLU B 414 8.09 -18.01 -23.92
CA GLU B 414 6.80 -18.41 -24.45
C GLU B 414 5.74 -18.05 -23.40
N VAL B 415 4.64 -17.43 -23.85
CA VAL B 415 3.54 -17.10 -22.95
C VAL B 415 2.73 -18.39 -22.73
N PRO B 416 2.52 -18.82 -21.46
CA PRO B 416 1.69 -20.01 -21.21
C PRO B 416 0.31 -19.84 -21.82
N GLU B 417 -0.19 -20.93 -22.38
CA GLU B 417 -1.48 -20.95 -23.06
C GLU B 417 -2.59 -20.24 -22.31
N VAL B 418 -2.71 -20.50 -20.99
CA VAL B 418 -3.82 -19.92 -20.21
C VAL B 418 -3.72 -18.38 -20.03
N LEU B 419 -2.51 -17.81 -20.20
CA LEU B 419 -2.33 -16.37 -20.05
C LEU B 419 -2.55 -15.63 -21.37
N ARG B 420 -2.55 -16.36 -22.51
CA ARG B 420 -2.68 -15.66 -23.81
C ARG B 420 -3.96 -14.81 -23.92
N PRO B 421 -5.15 -15.29 -23.45
CA PRO B 421 -6.36 -14.46 -23.51
C PRO B 421 -6.29 -13.20 -22.65
N TYR B 422 -5.35 -13.15 -21.67
CA TYR B 422 -5.13 -11.98 -20.79
C TYR B 422 -4.00 -11.07 -21.30
N MET B 423 -3.34 -11.48 -22.38
N MET B 423 -3.27 -11.55 -22.34
CA MET B 423 -2.23 -10.70 -22.93
CA MET B 423 -2.12 -10.88 -22.95
C MET B 423 -2.48 -10.38 -24.38
C MET B 423 -2.45 -10.42 -24.39
N ASN B 424 -3.75 -10.23 -24.73
CA ASN B 424 -4.21 -9.87 -26.09
C ASN B 424 -3.68 -10.87 -27.16
N GLY B 425 -3.60 -12.16 -26.81
CA GLY B 425 -3.11 -13.20 -27.73
C GLY B 425 -1.61 -13.32 -27.87
N LEU B 426 -0.80 -12.52 -27.14
CA LEU B 426 0.67 -12.57 -27.24
C LEU B 426 1.20 -13.98 -27.06
N GLU B 427 2.05 -14.44 -28.02
CA GLU B 427 2.59 -15.80 -27.96
C GLU B 427 3.94 -15.85 -27.27
N TYR B 428 4.77 -14.81 -27.41
CA TYR B 428 6.10 -14.76 -26.82
C TYR B 428 6.44 -13.38 -26.33
N ILE B 429 7.19 -13.31 -25.24
CA ILE B 429 7.78 -12.08 -24.72
C ILE B 429 9.07 -11.96 -25.54
N GLY B 430 9.31 -10.80 -26.12
CA GLY B 430 10.53 -10.54 -26.89
C GLY B 430 10.33 -10.49 -28.39
N10 SSA C . -1.28 12.50 -10.76
CA SSA C . -2.41 13.40 -11.01
CB SSA C . -3.26 12.98 -12.19
OG SSA C . -3.85 11.72 -11.95
C9 SSA C . -3.28 13.47 -9.78
O9 SSA C . -3.06 12.74 -8.84
N8 SSA C . -4.29 14.38 -9.75
S1 SSA C . -5.42 14.48 -8.63
O1S SSA C . -4.76 14.71 -7.41
O2S SSA C . -6.43 15.37 -9.08
O5' SSA C . -6.08 13.04 -8.53
C5' SSA C . -6.54 12.40 -9.74
C4' SSA C . -7.94 11.90 -9.49
O4' SSA C . -7.95 11.01 -8.35
C3' SSA C . -8.93 12.99 -9.11
O3' SSA C . -9.42 13.64 -10.28
C2' SSA C . -10.02 12.20 -8.40
O2' SSA C . -10.87 11.61 -9.38
C1' SSA C . -9.22 11.08 -7.72
N9 SSA C . -9.01 11.28 -6.29
C8 SSA C . -8.17 12.19 -5.70
N7 SSA C . -8.12 12.09 -4.40
C5 SSA C . -9.01 11.07 -4.10
C6 SSA C . -9.39 10.47 -2.89
N6 SSA C . -8.90 10.80 -1.71
N1 SSA C . -10.28 9.46 -2.96
C2 SSA C . -10.74 9.08 -4.14
N3 SSA C . -10.44 9.56 -5.35
C4 SSA C . -9.57 10.56 -5.25
P PO4 D . -12.78 17.09 -5.33
O1 PO4 D . -11.88 18.40 -5.33
O2 PO4 D . -12.84 16.51 -6.74
O3 PO4 D . -14.27 17.48 -4.90
O4 PO4 D . -12.11 16.00 -4.37
C1 EDO E . -10.79 1.93 -4.38
O1 EDO E . -10.67 2.61 -5.65
C2 EDO E . -11.85 2.63 -3.47
O2 EDO E . -11.36 3.89 -3.07
C1 EDO F . -0.34 -3.06 -13.84
O1 EDO F . 0.87 -3.32 -14.57
C2 EDO F . 0.07 -2.36 -12.53
O2 EDO F . 0.63 -1.10 -12.80
C1 EDO G . 16.08 7.82 3.15
O1 EDO G . 15.49 7.39 4.37
C2 EDO G . 15.17 7.57 1.92
O2 EDO G . 13.99 8.34 2.03
C1 EDO H . -15.97 -12.02 -8.91
O1 EDO H . -14.94 -12.31 -9.77
C2 EDO H . -17.34 -12.42 -9.49
O2 EDO H . -18.23 -11.34 -9.43
C1 EDO I . -25.34 5.64 -18.88
O1 EDO I . -24.82 5.61 -20.19
C2 EDO I . -26.41 6.73 -18.78
O2 EDO I . -25.78 7.94 -19.14
C1 EDO J . -19.47 -5.63 11.49
O1 EDO J . -18.72 -6.49 12.33
C2 EDO J . -18.55 -4.87 10.53
O2 EDO J . -17.94 -5.81 9.68
C1 EDO K . -17.28 -12.50 5.34
O1 EDO K . -17.26 -11.86 4.08
C2 EDO K . -17.75 -11.51 6.41
O2 EDO K . -19.15 -11.34 6.32
C1 EDO L . -24.25 8.16 -23.44
O1 EDO L . -25.13 7.76 -22.40
C2 EDO L . -23.80 9.60 -23.16
O2 EDO L . -24.95 10.44 -23.07
C1 EDO M . -10.78 -13.19 -19.94
O1 EDO M . -9.94 -14.10 -20.65
C2 EDO M . -10.09 -11.80 -19.88
O2 EDO M . -10.95 -10.90 -19.20
N10 SSA N . -1.33 -15.83 4.10
CA SSA N . -0.40 -16.95 3.95
CB SSA N . -0.77 -17.76 2.72
OG SSA N . -0.63 -17.01 1.54
C9 SSA N . 0.99 -16.43 3.79
O9 SSA N . 1.22 -15.24 3.72
N8 SSA N . 1.98 -17.34 3.72
S1 SSA N . 3.53 -17.04 3.49
O1S SSA N . 4.02 -16.04 4.36
O2S SSA N . 4.18 -18.28 3.37
O5' SSA N . 3.60 -16.33 2.05
C5' SSA N . 2.89 -16.95 0.94
C4' SSA N . 3.82 -16.93 -0.25
O4' SSA N . 4.21 -15.58 -0.56
C3' SSA N . 5.13 -17.66 -0.02
O3' SSA N . 4.94 -19.05 -0.22
C2' SSA N . 6.02 -17.03 -1.10
O2' SSA N . 5.77 -17.62 -2.35
C1' SSA N . 5.52 -15.59 -1.11
N9 SSA N . 6.35 -14.67 -0.37
C8 SSA N . 6.47 -14.56 1.00
N7 SSA N . 7.29 -13.60 1.37
C5 SSA N . 7.73 -13.05 0.18
C6 SSA N . 8.56 -11.97 -0.10
N6 SSA N . 9.10 -11.18 0.83
N1 SSA N . 8.78 -11.67 -1.40
C2 SSA N . 8.19 -12.40 -2.34
N3 SSA N . 7.38 -13.43 -2.19
C4 SSA N . 7.17 -13.70 -0.90
P PO4 O . 11.45 -19.36 1.32
O1 PO4 O . 12.39 -18.51 0.50
O2 PO4 O . 11.30 -18.79 2.81
O3 PO4 O . 10.00 -19.40 0.65
O4 PO4 O . 11.96 -20.87 1.42
P PO4 P . 11.22 -36.15 1.93
O1 PO4 P . 10.74 -34.77 1.48
O2 PO4 P . 12.45 -36.03 2.93
O3 PO4 P . 9.98 -36.89 2.63
O4 PO4 P . 11.67 -36.98 0.63
P PO4 Q . 23.51 -10.34 -14.61
O1 PO4 Q . 23.79 -9.26 -15.69
O2 PO4 Q . 24.71 -10.37 -13.56
O3 PO4 Q . 22.14 -10.01 -13.84
O4 PO4 Q . 23.39 -11.77 -15.33
C1 EDO R . 5.50 -7.94 -7.36
O1 EDO R . 4.87 -9.23 -7.24
C2 EDO R . 7.08 -8.07 -7.31
O2 EDO R . 7.48 -8.48 -6.03
C1 EDO S . -5.87 1.86 15.44
O1 EDO S . -4.81 0.92 15.27
C2 EDO S . -5.58 2.74 16.68
O2 EDO S . -4.57 3.69 16.33
C1 EDO T . -8.49 -6.98 -5.70
O1 EDO T . -8.65 -7.89 -4.61
C2 EDO T . -9.27 -7.53 -6.92
O2 EDO T . -10.65 -7.46 -6.65
C1 EDO U . 8.09 -26.35 -18.71
O1 EDO U . 7.81 -27.34 -17.73
C2 EDO U . 6.85 -25.47 -18.91
O2 EDO U . 5.68 -26.29 -19.10
C1 EDO V . 5.84 -30.44 -16.97
O1 EDO V . 5.63 -31.83 -16.86
C2 EDO V . 4.65 -29.78 -17.71
O2 EDO V . 3.45 -30.11 -17.04
C1 EDO W . -10.98 -18.64 -15.85
O1 EDO W . -11.71 -19.63 -15.15
C2 EDO W . -9.49 -18.98 -15.88
O2 EDO W . -8.90 -18.25 -16.96
C1 EDO X . -5.75 -29.70 16.22
O1 EDO X . -5.42 -29.63 14.84
C2 EDO X . -4.70 -28.92 17.04
O2 EDO X . -4.90 -27.52 16.97
C1 EDO Y . -4.39 -30.57 23.84
O1 EDO Y . -4.21 -30.95 22.50
C2 EDO Y . -3.37 -31.34 24.71
O2 EDO Y . -3.57 -32.73 24.51
#